data_5F15
#
_entry.id   5F15
#
_cell.length_a   59.648
_cell.length_b   80.322
_cell.length_c   150.161
_cell.angle_alpha   90.000
_cell.angle_beta   90.000
_cell.angle_gamma   90.000
#
_symmetry.space_group_name_H-M   'P 21 21 21'
#
loop_
_entity.id
_entity.type
_entity.pdbx_description
1 polymer '4-amino-4-deoxy-L-arabinose (L-Ara4N) transferase'
2 non-polymer '[(Z)-octadec-9-enyl] (2R)-2,3-bis(oxidanyl)propanoate'
3 non-polymer '4-(2-HYDROXYETHYL)-1-PIPERAZINE ETHANESULFONIC ACID'
4 non-polymer 'PHOSPHATE ION'
5 non-polymer 'CHLORIDE ION'
6 non-polymer '[(2~{E},6~{E},10~{E},14~{E},18~{Z},22~{E},26~{Z},30~{E},34~{E},38~{E})-3,7,11,15,19,23,27,31,35,39,43-undecamethyltetratetraconta-2,6,10,14,18,22,26,30,34,38,42-undecaenyl] dihydrogen phosphate'
7 water water
#
_entity_poly.entity_id   1
_entity_poly.type   'polypeptide(L)'
_entity_poly.pdbx_seq_one_letter_code
;SYVMPQPTSQQRASVASSQSTQGAVGWSAATGWVVLFVAVALVVWFVSLDMRHLVGPDEGRYAEISREMFASGDWVTIRY
NALKYFEKPPFHMWVTVVGYELFGLGEWQARLAVALSGLLGIGVSMMAARRWFGARAAAFTGLALLAAPMWSVAAHFNTL
DMTLAGVMSCVLAFMLMGQHPDASVAARRGWMVACWAAMGVAILTKGLVGIALPGLVLVVYTLVTRDWGLWRRLHLALGV
VVMLVITVPWFYLVSVRNPEFPNFFFIHEHWQRYTSNIHSRSGSVFYFLPLVIGGFLPWAGIFPKLWTAMRAPVEGTQAR
FRPALMAGIWAIAIFVFFSISRSKLPGYIVPVIPALGILAGVALDRLSPRSWGKQLIGMAIVAACGLLASPVVATLNANH
IPNSFYRAYAVWVAVAFVVMLLGIAVARLLLRRGVLPSVAVYAMGMYLGFTVALLGHETVGRPASGADIAPQIAQKLTPE
MPLYGVQMLDHTLPFYLRHPLMMVGQADELTFGATVEPQRVVPDVDSFTKLWKNGQPAMAVMSPDTYLALAPTLSMYVVA
RDWRRVVVANVASLAGPQ
;
_entity_poly.pdbx_strand_id   A
#
loop_
_chem_comp.id
_chem_comp.type
_chem_comp.name
_chem_comp.formula
5TR non-polymer '[(2~{E},6~{E},10~{E},14~{E},18~{Z},22~{E},26~{Z},30~{E},34~{E},38~{E})-3,7,11,15,19,23,27,31,35,39,43-undecamethyltetratetraconta-2,6,10,14,18,22,26,30,34,38,42-undecaenyl] dihydrogen phosphate' 'C55 H91 O4 P'
CL non-polymer 'CHLORIDE ION' 'Cl -1'
EPE non-polymer '4-(2-HYDROXYETHYL)-1-PIPERAZINE ETHANESULFONIC ACID' 'C8 H18 N2 O4 S'
MPG non-polymer '[(Z)-octadec-9-enyl] (2R)-2,3-bis(oxidanyl)propanoate' 'C21 H40 O4'
PO4 non-polymer 'PHOSPHATE ION' 'O4 P -3'
#
# COMPACT_ATOMS: atom_id res chain seq x y z
N ALA A 29 27.73 -19.96 -14.29
CA ALA A 29 28.30 -20.61 -13.12
C ALA A 29 27.27 -20.67 -11.99
N ALA A 30 26.57 -21.80 -11.88
CA ALA A 30 25.56 -22.03 -10.85
C ALA A 30 24.46 -20.98 -10.89
N THR A 31 24.26 -20.36 -12.05
CA THR A 31 23.22 -19.35 -12.19
C THR A 31 21.83 -19.97 -12.17
N GLY A 32 21.72 -21.27 -12.43
CA GLY A 32 20.41 -21.92 -12.39
C GLY A 32 19.75 -21.85 -11.04
N TRP A 33 20.54 -21.72 -9.97
CA TRP A 33 19.97 -21.53 -8.64
C TRP A 33 19.40 -20.13 -8.47
N VAL A 34 19.99 -19.14 -9.13
CA VAL A 34 19.45 -17.78 -9.09
C VAL A 34 18.14 -17.72 -9.87
N VAL A 35 18.20 -18.09 -11.15
CA VAL A 35 17.02 -18.04 -12.03
C VAL A 35 15.83 -18.69 -11.36
N LEU A 36 15.97 -19.97 -11.01
CA LEU A 36 14.90 -20.70 -10.32
C LEU A 36 14.37 -19.89 -9.15
N PHE A 37 15.27 -19.40 -8.29
CA PHE A 37 14.88 -18.55 -7.17
C PHE A 37 13.95 -17.44 -7.66
N VAL A 38 14.44 -16.62 -8.59
CA VAL A 38 13.64 -15.52 -9.13
C VAL A 38 12.31 -16.05 -9.64
N ALA A 39 12.34 -17.16 -10.36
CA ALA A 39 11.10 -17.78 -10.83
C ALA A 39 10.17 -18.05 -9.66
N VAL A 40 10.66 -18.80 -8.67
CA VAL A 40 9.83 -19.10 -7.49
C VAL A 40 9.43 -17.81 -6.80
N ALA A 41 10.24 -16.76 -6.91
CA ALA A 41 9.87 -15.49 -6.32
C ALA A 41 8.76 -14.81 -7.12
N LEU A 42 8.86 -14.83 -8.45
CA LEU A 42 7.93 -14.06 -9.25
C LEU A 42 6.54 -14.69 -9.28
N VAL A 43 6.47 -16.02 -9.44
CA VAL A 43 5.18 -16.70 -9.47
C VAL A 43 4.39 -16.40 -8.21
N VAL A 44 4.96 -16.74 -7.05
CA VAL A 44 4.34 -16.43 -5.77
C VAL A 44 4.04 -14.95 -5.67
N TRP A 45 4.83 -14.10 -6.33
CA TRP A 45 4.59 -12.67 -6.27
C TRP A 45 3.27 -12.30 -6.92
N PHE A 46 2.94 -12.94 -8.05
CA PHE A 46 1.75 -12.53 -8.79
C PHE A 46 0.52 -13.35 -8.40
N VAL A 47 0.68 -14.65 -8.21
CA VAL A 47 -0.46 -15.49 -7.84
C VAL A 47 -1.06 -15.01 -6.53
N SER A 48 -0.21 -14.60 -5.58
CA SER A 48 -0.69 -14.10 -4.30
C SER A 48 -1.61 -12.90 -4.45
N LEU A 49 -1.57 -12.21 -5.60
CA LEU A 49 -2.48 -11.09 -5.80
C LEU A 49 -3.92 -11.56 -5.94
N ASP A 50 -4.14 -12.72 -6.56
CA ASP A 50 -5.49 -13.21 -6.83
C ASP A 50 -5.86 -14.39 -5.94
N MET A 51 -5.28 -14.45 -4.74
CA MET A 51 -5.58 -15.53 -3.81
C MET A 51 -6.57 -15.13 -2.74
N ARG A 52 -7.00 -13.87 -2.72
CA ARG A 52 -7.87 -13.39 -1.66
C ARG A 52 -8.72 -12.24 -2.16
N HIS A 53 -9.78 -11.94 -1.42
CA HIS A 53 -10.72 -10.90 -1.79
C HIS A 53 -10.26 -9.54 -1.30
N LEU A 54 -10.86 -8.49 -1.86
CA LEU A 54 -10.53 -7.13 -1.46
C LEU A 54 -11.00 -6.87 -0.03
N VAL A 55 -10.15 -6.18 0.73
CA VAL A 55 -10.46 -5.84 2.12
C VAL A 55 -10.58 -4.32 2.22
N GLY A 56 -11.58 -3.86 2.96
CA GLY A 56 -11.79 -2.45 3.15
C GLY A 56 -10.83 -1.85 4.17
N PRO A 57 -10.68 -0.52 4.14
CA PRO A 57 -11.37 0.35 3.18
C PRO A 57 -10.54 0.67 1.93
N ASP A 58 -9.22 0.54 2.03
CA ASP A 58 -8.34 1.07 0.99
C ASP A 58 -8.46 0.31 -0.32
N GLU A 59 -8.38 -1.03 -0.26
CA GLU A 59 -8.37 -1.82 -1.49
C GLU A 59 -9.65 -1.64 -2.30
N GLY A 60 -10.80 -1.76 -1.64
CA GLY A 60 -12.06 -1.57 -2.33
C GLY A 60 -12.25 -0.15 -2.82
N ARG A 61 -11.81 0.83 -2.03
CA ARG A 61 -11.99 2.22 -2.41
C ARG A 61 -11.18 2.55 -3.66
N TYR A 62 -9.89 2.26 -3.66
CA TYR A 62 -9.06 2.59 -4.81
C TYR A 62 -9.39 1.73 -6.01
N ALA A 63 -9.79 0.48 -5.78
CA ALA A 63 -10.21 -0.37 -6.90
C ALA A 63 -11.49 0.16 -7.54
N GLU A 64 -12.40 0.68 -6.72
CA GLU A 64 -13.65 1.22 -7.26
C GLU A 64 -13.45 2.56 -7.94
N ILE A 65 -12.60 3.43 -7.36
CA ILE A 65 -12.26 4.68 -8.04
C ILE A 65 -11.64 4.38 -9.39
N SER A 66 -10.72 3.41 -9.43
CA SER A 66 -10.14 3.01 -10.72
C SER A 66 -11.20 2.44 -11.65
N ARG A 67 -12.20 1.75 -11.10
CA ARG A 67 -13.24 1.19 -11.95
C ARG A 67 -14.07 2.29 -12.59
N GLU A 68 -14.50 3.27 -11.80
CA GLU A 68 -15.29 4.37 -12.34
C GLU A 68 -14.48 5.21 -13.32
N MET A 69 -13.22 5.49 -12.99
CA MET A 69 -12.36 6.20 -13.93
C MET A 69 -12.16 5.41 -15.21
N PHE A 70 -12.21 4.08 -15.12
CA PHE A 70 -12.03 3.24 -16.30
C PHE A 70 -13.29 3.21 -17.16
N ALA A 71 -14.46 3.16 -16.53
CA ALA A 71 -15.70 3.06 -17.29
C ALA A 71 -16.17 4.41 -17.82
N SER A 72 -15.82 5.50 -17.15
CA SER A 72 -16.28 6.83 -17.56
C SER A 72 -15.33 7.53 -18.50
N GLY A 73 -14.06 7.11 -18.58
CA GLY A 73 -13.10 7.73 -19.45
C GLY A 73 -12.54 9.05 -18.96
N ASP A 74 -13.13 9.64 -17.93
CA ASP A 74 -12.64 10.91 -17.38
C ASP A 74 -11.48 10.62 -16.42
N TRP A 75 -10.27 10.91 -16.86
CA TRP A 75 -9.07 10.65 -16.07
C TRP A 75 -8.62 11.87 -15.26
N VAL A 76 -9.39 12.95 -15.27
CA VAL A 76 -8.99 14.17 -14.58
C VAL A 76 -9.71 14.26 -13.24
N THR A 77 -11.04 14.26 -13.27
CA THR A 77 -11.83 14.42 -12.05
C THR A 77 -12.00 13.06 -11.38
N ILE A 78 -11.32 12.88 -10.25
CA ILE A 78 -11.43 11.63 -9.50
C ILE A 78 -12.78 11.56 -8.81
N ARG A 79 -13.48 10.45 -9.01
CA ARG A 79 -14.80 10.25 -8.42
C ARG A 79 -14.86 8.90 -7.72
N TYR A 80 -15.58 8.85 -6.61
CA TYR A 80 -15.75 7.66 -5.79
C TYR A 80 -17.23 7.52 -5.47
N ASN A 81 -17.87 6.50 -6.06
CA ASN A 81 -19.32 6.29 -5.92
C ASN A 81 -20.10 7.50 -6.45
N ALA A 82 -19.69 7.98 -7.62
CA ALA A 82 -20.28 9.10 -8.36
C ALA A 82 -20.08 10.45 -7.68
N LEU A 83 -19.46 10.49 -6.51
CA LEU A 83 -19.17 11.75 -5.84
C LEU A 83 -17.69 12.08 -6.00
N LYS A 84 -17.38 13.38 -5.94
CA LYS A 84 -16.01 13.83 -6.10
C LYS A 84 -15.16 13.41 -4.90
N TYR A 85 -13.98 12.87 -5.17
CA TYR A 85 -13.04 12.44 -4.14
C TYR A 85 -11.70 13.13 -4.42
N PHE A 86 -11.54 14.34 -3.87
CA PHE A 86 -10.34 15.15 -4.09
C PHE A 86 -9.35 15.02 -2.96
N GLU A 87 -9.22 13.83 -2.37
CA GLU A 87 -8.29 13.61 -1.27
C GLU A 87 -6.96 13.00 -1.72
N LYS A 88 -6.84 12.59 -2.97
CA LYS A 88 -5.63 11.92 -3.46
C LYS A 88 -5.38 12.32 -4.90
N PRO A 89 -4.12 12.32 -5.34
CA PRO A 89 -3.81 12.52 -6.77
C PRO A 89 -3.85 11.20 -7.51
N PRO A 90 -3.91 11.23 -8.87
CA PRO A 90 -4.44 10.08 -9.60
C PRO A 90 -3.45 9.17 -10.31
N PHE A 91 -2.18 9.14 -9.92
CA PHE A 91 -1.24 8.27 -10.65
C PHE A 91 -1.57 6.80 -10.40
N HIS A 92 -1.82 6.44 -9.14
CA HIS A 92 -2.19 5.06 -8.81
C HIS A 92 -3.44 4.64 -9.57
N MET A 93 -4.45 5.52 -9.62
CA MET A 93 -5.65 5.21 -10.37
C MET A 93 -5.38 5.09 -11.87
N TRP A 94 -4.43 5.88 -12.39
CA TRP A 94 -4.07 5.75 -13.80
C TRP A 94 -3.48 4.37 -14.08
N VAL A 95 -2.51 3.95 -13.27
CA VAL A 95 -1.90 2.64 -13.44
C VAL A 95 -2.96 1.55 -13.34
N THR A 96 -3.81 1.61 -12.31
CA THR A 96 -4.82 0.59 -12.14
C THR A 96 -5.81 0.58 -13.29
N VAL A 97 -6.14 1.73 -13.86
CA VAL A 97 -7.04 1.78 -15.00
C VAL A 97 -6.39 1.13 -16.21
N VAL A 98 -5.09 1.35 -16.41
CA VAL A 98 -4.38 0.64 -17.47
C VAL A 98 -4.47 -0.86 -17.24
N GLY A 99 -4.30 -1.29 -15.99
CA GLY A 99 -4.46 -2.70 -15.67
C GLY A 99 -5.84 -3.22 -15.97
N TYR A 100 -6.87 -2.40 -15.78
CA TYR A 100 -8.23 -2.82 -16.11
C TYR A 100 -8.42 -2.92 -17.61
N GLU A 101 -7.82 -2.00 -18.37
CA GLU A 101 -7.98 -2.05 -19.82
C GLU A 101 -7.27 -3.26 -20.41
N LEU A 102 -6.09 -3.60 -19.88
CA LEU A 102 -5.34 -4.72 -20.44
C LEU A 102 -5.82 -6.07 -19.91
N PHE A 103 -6.30 -6.13 -18.67
CA PHE A 103 -6.57 -7.39 -18.02
C PHE A 103 -7.97 -7.47 -17.40
N GLY A 104 -8.87 -6.55 -17.73
CA GLY A 104 -10.22 -6.62 -17.19
C GLY A 104 -10.27 -6.26 -15.72
N LEU A 105 -11.47 -6.42 -15.16
CA LEU A 105 -11.72 -6.15 -13.75
C LEU A 105 -11.40 -7.38 -12.91
N GLY A 106 -10.98 -7.14 -11.68
CA GLY A 106 -10.65 -8.22 -10.78
C GLY A 106 -9.78 -7.74 -9.64
N GLU A 107 -9.32 -8.70 -8.84
CA GLU A 107 -8.53 -8.39 -7.66
C GLU A 107 -7.08 -8.14 -8.00
N TRP A 108 -6.44 -9.09 -8.71
CA TRP A 108 -5.02 -8.93 -9.03
C TRP A 108 -4.79 -7.75 -9.96
N GLN A 109 -5.78 -7.40 -10.78
CA GLN A 109 -5.68 -6.18 -11.56
C GLN A 109 -5.68 -4.95 -10.67
N ALA A 110 -6.39 -5.01 -9.54
CA ALA A 110 -6.38 -3.89 -8.61
C ALA A 110 -5.07 -3.82 -7.83
N ARG A 111 -4.47 -4.96 -7.52
CA ARG A 111 -3.20 -4.99 -6.81
C ARG A 111 -2.00 -4.89 -7.76
N LEU A 112 -2.24 -4.80 -9.06
CA LEU A 112 -1.14 -4.81 -10.02
C LEU A 112 -0.24 -3.59 -9.86
N ALA A 113 -0.79 -2.45 -9.48
CA ALA A 113 0.01 -1.24 -9.32
C ALA A 113 1.01 -1.40 -8.18
N VAL A 114 0.52 -1.84 -7.01
CA VAL A 114 1.43 -1.99 -5.88
C VAL A 114 2.39 -3.16 -6.10
N ALA A 115 1.97 -4.17 -6.86
CA ALA A 115 2.88 -5.26 -7.19
C ALA A 115 4.04 -4.78 -8.03
N LEU A 116 3.73 -4.17 -9.19
CA LEU A 116 4.79 -3.64 -10.04
C LEU A 116 5.60 -2.58 -9.33
N SER A 117 5.00 -1.87 -8.36
CA SER A 117 5.76 -0.90 -7.58
C SER A 117 6.75 -1.58 -6.64
N GLY A 118 6.36 -2.71 -6.06
CA GLY A 118 7.28 -3.46 -5.22
C GLY A 118 8.43 -4.02 -6.04
N LEU A 119 8.12 -4.64 -7.17
CA LEU A 119 9.18 -5.11 -8.06
C LEU A 119 10.09 -3.95 -8.48
N LEU A 120 9.50 -2.77 -8.72
CA LEU A 120 10.29 -1.60 -9.10
C LEU A 120 11.25 -1.20 -7.98
N GLY A 121 10.74 -1.12 -6.75
CA GLY A 121 11.61 -0.77 -5.63
C GLY A 121 12.75 -1.76 -5.46
N ILE A 122 12.44 -3.05 -5.51
CA ILE A 122 13.48 -4.07 -5.38
C ILE A 122 14.52 -3.91 -6.48
N GLY A 123 14.07 -3.83 -7.73
CA GLY A 123 15.01 -3.79 -8.84
C GLY A 123 15.89 -2.55 -8.81
N VAL A 124 15.29 -1.38 -8.60
CA VAL A 124 16.06 -0.14 -8.67
C VAL A 124 16.99 -0.02 -7.46
N SER A 125 16.53 -0.47 -6.29
CA SER A 125 17.42 -0.50 -5.13
C SER A 125 18.60 -1.43 -5.37
N MET A 126 18.35 -2.59 -5.99
CA MET A 126 19.46 -3.47 -6.36
C MET A 126 20.38 -2.80 -7.36
N MET A 127 19.83 -1.98 -8.25
CA MET A 127 20.67 -1.27 -9.22
C MET A 127 21.60 -0.30 -8.51
N ALA A 128 21.06 0.50 -7.59
CA ALA A 128 21.91 1.44 -6.85
C ALA A 128 22.96 0.72 -6.05
N ALA A 129 22.56 -0.35 -5.34
CA ALA A 129 23.52 -1.09 -4.53
C ALA A 129 24.63 -1.70 -5.38
N ARG A 130 24.27 -2.24 -6.55
CA ARG A 130 25.29 -2.79 -7.43
C ARG A 130 26.21 -1.71 -7.96
N ARG A 131 25.66 -0.53 -8.24
CA ARG A 131 26.49 0.56 -8.73
C ARG A 131 27.48 1.03 -7.67
N TRP A 132 27.07 1.04 -6.40
CA TRP A 132 27.90 1.58 -5.34
C TRP A 132 28.69 0.51 -4.58
N PHE A 133 28.00 -0.52 -4.05
CA PHE A 133 28.61 -1.44 -3.12
C PHE A 133 28.92 -2.80 -3.71
N GLY A 134 28.68 -3.01 -5.01
CA GLY A 134 29.04 -4.25 -5.66
C GLY A 134 27.85 -5.16 -5.90
N ALA A 135 28.11 -6.24 -6.62
CA ALA A 135 27.03 -7.14 -7.03
C ALA A 135 26.52 -7.96 -5.86
N ARG A 136 27.42 -8.46 -5.02
CA ARG A 136 27.01 -9.29 -3.88
C ARG A 136 26.14 -8.50 -2.91
N ALA A 137 26.55 -7.26 -2.61
CA ALA A 137 25.73 -6.41 -1.74
C ALA A 137 24.38 -6.12 -2.38
N ALA A 138 24.33 -6.00 -3.71
CA ALA A 138 23.06 -5.82 -4.39
C ALA A 138 22.16 -7.04 -4.22
N ALA A 139 22.74 -8.23 -4.36
CA ALA A 139 21.98 -9.45 -4.10
C ALA A 139 21.42 -9.45 -2.69
N PHE A 140 22.23 -9.05 -1.70
CA PHE A 140 21.73 -9.00 -0.34
C PHE A 140 20.64 -7.96 -0.16
N THR A 141 20.68 -6.86 -0.94
CA THR A 141 19.57 -5.91 -0.90
C THR A 141 18.30 -6.52 -1.46
N GLY A 142 18.43 -7.28 -2.56
CA GLY A 142 17.27 -7.95 -3.11
C GLY A 142 16.66 -8.95 -2.14
N LEU A 143 17.51 -9.72 -1.46
CA LEU A 143 17.01 -10.66 -0.46
C LEU A 143 16.39 -9.94 0.72
N ALA A 144 16.97 -8.81 1.13
CA ALA A 144 16.45 -8.08 2.28
C ALA A 144 15.08 -7.48 1.98
N LEU A 145 14.95 -6.80 0.84
CA LEU A 145 13.66 -6.23 0.47
C LEU A 145 12.65 -7.31 0.13
N LEU A 146 13.11 -8.47 -0.33
CA LEU A 146 12.19 -9.57 -0.59
C LEU A 146 11.67 -10.19 0.71
N ALA A 147 12.50 -10.23 1.74
CA ALA A 147 12.11 -10.83 3.01
C ALA A 147 11.40 -9.86 3.95
N ALA A 148 11.51 -8.56 3.71
CA ALA A 148 10.90 -7.57 4.59
C ALA A 148 9.39 -7.67 4.52
N PRO A 149 8.69 -7.98 5.62
CA PRO A 149 7.24 -8.16 5.53
C PRO A 149 6.49 -6.90 5.18
N MET A 150 7.03 -5.72 5.49
CA MET A 150 6.35 -4.49 5.10
C MET A 150 6.41 -4.31 3.58
N TRP A 151 7.53 -4.64 2.96
CA TRP A 151 7.65 -4.45 1.52
C TRP A 151 6.91 -5.55 0.75
N SER A 152 7.09 -6.80 1.15
CA SER A 152 6.43 -7.90 0.44
C SER A 152 4.94 -7.91 0.70
N VAL A 153 4.53 -7.68 1.95
CA VAL A 153 3.11 -7.67 2.28
C VAL A 153 2.44 -6.40 1.75
N ALA A 154 3.09 -5.25 1.96
CA ALA A 154 2.52 -4.00 1.45
C ALA A 154 2.53 -3.95 -0.07
N ALA A 155 3.36 -4.77 -0.73
CA ALA A 155 3.37 -4.82 -2.18
C ALA A 155 2.22 -5.62 -2.75
N HIS A 156 1.44 -6.29 -1.91
CA HIS A 156 0.26 -7.02 -2.34
C HIS A 156 -1.03 -6.45 -1.77
N PHE A 157 -0.96 -5.27 -1.16
CA PHE A 157 -2.12 -4.59 -0.60
C PHE A 157 -2.41 -3.35 -1.44
N ASN A 158 -3.65 -3.22 -1.89
CA ASN A 158 -4.02 -2.14 -2.81
C ASN A 158 -4.13 -0.84 -2.03
N THR A 159 -3.00 -0.14 -1.89
CA THR A 159 -2.96 1.16 -1.24
C THR A 159 -1.84 1.97 -1.88
N LEU A 160 -1.97 3.29 -1.81
CA LEU A 160 -1.02 4.18 -2.48
C LEU A 160 0.34 4.22 -1.79
N ASP A 161 0.45 3.68 -0.58
CA ASP A 161 1.71 3.72 0.15
C ASP A 161 2.82 2.99 -0.61
N MET A 162 2.50 1.81 -1.15
CA MET A 162 3.52 1.02 -1.84
C MET A 162 3.94 1.66 -3.15
N THR A 163 2.98 2.19 -3.91
CA THR A 163 3.32 2.87 -5.16
C THR A 163 4.20 4.08 -4.88
N LEU A 164 3.81 4.90 -3.91
CA LEU A 164 4.65 6.04 -3.53
C LEU A 164 6.03 5.57 -3.08
N ALA A 165 6.10 4.44 -2.37
CA ALA A 165 7.38 3.94 -1.89
C ALA A 165 8.27 3.47 -3.02
N GLY A 166 7.68 2.91 -4.08
CA GLY A 166 8.46 2.46 -5.21
C GLY A 166 8.95 3.62 -6.06
N VAL A 167 8.06 4.59 -6.28
CA VAL A 167 8.45 5.77 -7.06
C VAL A 167 9.55 6.55 -6.32
N MET A 168 9.35 6.80 -5.03
CA MET A 168 10.39 7.45 -4.24
C MET A 168 11.62 6.57 -4.09
N SER A 169 11.47 5.25 -4.23
CA SER A 169 12.63 4.37 -4.31
C SER A 169 13.43 4.67 -5.57
N CYS A 170 12.74 4.93 -6.69
CA CYS A 170 13.42 5.41 -7.89
C CYS A 170 14.05 6.77 -7.65
N VAL A 171 13.42 7.61 -6.81
CA VAL A 171 14.02 8.91 -6.47
C VAL A 171 15.36 8.71 -5.79
N LEU A 172 15.36 8.00 -4.66
CA LEU A 172 16.59 7.79 -3.90
C LEU A 172 17.65 7.09 -4.74
N ALA A 173 17.28 5.99 -5.40
CA ALA A 173 18.27 5.21 -6.12
C ALA A 173 18.81 5.96 -7.33
N PHE A 174 17.97 6.75 -8.01
CA PHE A 174 18.48 7.57 -9.10
C PHE A 174 19.42 8.65 -8.59
N MET A 175 19.09 9.23 -7.43
CA MET A 175 20.01 10.18 -6.80
C MET A 175 21.36 9.53 -6.51
N LEU A 176 21.35 8.27 -6.05
CA LEU A 176 22.61 7.56 -5.84
C LEU A 176 23.32 7.28 -7.15
N MET A 177 22.56 7.02 -8.23
CA MET A 177 23.17 6.71 -9.52
C MET A 177 23.88 7.93 -10.09
N GLY A 178 23.20 9.08 -10.12
CA GLY A 178 23.80 10.26 -10.73
C GLY A 178 25.01 10.78 -9.97
N GLN A 179 25.02 10.62 -8.65
CA GLN A 179 26.09 11.13 -7.80
C GLN A 179 27.27 10.17 -7.70
N HIS A 180 27.50 9.36 -8.71
CA HIS A 180 28.66 8.46 -8.67
C HIS A 180 29.85 9.13 -9.33
N PRO A 181 31.02 9.11 -8.70
CA PRO A 181 32.19 9.79 -9.30
C PRO A 181 32.62 9.20 -10.63
N ASP A 182 32.49 7.88 -10.81
CA ASP A 182 32.87 7.23 -12.06
C ASP A 182 31.82 7.39 -13.15
N ALA A 183 30.73 8.11 -12.88
CA ALA A 183 29.69 8.32 -13.87
C ALA A 183 29.99 9.57 -14.69
N SER A 184 29.69 9.51 -15.99
CA SER A 184 29.93 10.64 -16.87
C SER A 184 28.99 11.78 -16.53
N VAL A 185 29.28 12.95 -17.11
CA VAL A 185 28.42 14.11 -16.92
C VAL A 185 27.06 13.88 -17.56
N ALA A 186 27.04 13.22 -18.73
CA ALA A 186 25.77 12.89 -19.37
C ALA A 186 25.00 11.86 -18.55
N ALA A 187 25.71 10.93 -17.90
CA ALA A 187 25.05 9.97 -17.04
C ALA A 187 24.43 10.65 -15.84
N ARG A 188 25.19 11.55 -15.19
CA ARG A 188 24.64 12.30 -14.06
C ARG A 188 23.44 13.13 -14.47
N ARG A 189 23.51 13.74 -15.65
CA ARG A 189 22.37 14.50 -16.16
C ARG A 189 21.16 13.61 -16.36
N GLY A 190 21.37 12.42 -16.93
CA GLY A 190 20.25 11.50 -17.14
C GLY A 190 19.62 11.04 -15.84
N TRP A 191 20.45 10.61 -14.89
CA TRP A 191 19.91 10.12 -13.62
C TRP A 191 19.28 11.24 -12.81
N MET A 192 19.73 12.49 -12.99
CA MET A 192 19.14 13.59 -12.25
C MET A 192 17.82 14.04 -12.86
N VAL A 193 17.75 14.07 -14.20
CA VAL A 193 16.46 14.34 -14.84
C VAL A 193 15.46 13.24 -14.49
N ALA A 194 15.92 11.99 -14.49
CA ALA A 194 15.05 10.89 -14.10
C ALA A 194 14.70 10.96 -12.62
N CYS A 195 15.55 11.57 -11.81
CA CYS A 195 15.24 11.70 -10.38
C CYS A 195 14.17 12.76 -10.17
N TRP A 196 14.31 13.92 -10.82
CA TRP A 196 13.30 14.96 -10.69
C TRP A 196 11.97 14.50 -11.28
N ALA A 197 12.01 13.82 -12.43
CA ALA A 197 10.79 13.24 -12.98
C ALA A 197 10.21 12.21 -12.04
N ALA A 198 11.08 11.45 -11.35
CA ALA A 198 10.61 10.45 -10.42
C ALA A 198 9.84 11.08 -9.26
N MET A 199 10.44 12.08 -8.60
CA MET A 199 9.73 12.73 -7.50
C MET A 199 8.52 13.48 -8.00
N GLY A 200 8.53 13.92 -9.27
CA GLY A 200 7.32 14.49 -9.85
C GLY A 200 6.19 13.49 -9.90
N VAL A 201 6.48 12.28 -10.40
CA VAL A 201 5.49 11.22 -10.38
C VAL A 201 5.07 10.91 -8.94
N ALA A 202 6.00 11.03 -8.00
CA ALA A 202 5.68 10.77 -6.60
C ALA A 202 4.64 11.75 -6.07
N ILE A 203 4.83 13.04 -6.34
CA ILE A 203 3.83 14.00 -5.88
C ILE A 203 2.54 13.84 -6.67
N LEU A 204 2.64 13.37 -7.92
CA LEU A 204 1.44 13.00 -8.65
C LEU A 204 0.77 11.76 -8.09
N THR A 205 1.45 11.04 -7.20
CA THR A 205 0.91 9.82 -6.60
C THR A 205 0.34 10.05 -5.21
N LYS A 206 0.98 10.86 -4.36
CA LYS A 206 0.46 11.07 -3.02
C LYS A 206 0.82 12.48 -2.52
N GLY A 207 0.77 13.47 -3.40
CA GLY A 207 0.86 14.85 -2.97
C GLY A 207 2.28 15.31 -2.67
N LEU A 208 2.35 16.51 -2.09
CA LEU A 208 3.61 17.24 -1.91
C LEU A 208 4.62 16.52 -1.04
N VAL A 209 4.28 15.34 -0.52
CA VAL A 209 5.23 14.62 0.32
C VAL A 209 6.38 14.08 -0.54
N GLY A 210 6.11 13.78 -1.81
CA GLY A 210 7.12 13.26 -2.70
C GLY A 210 8.18 14.26 -3.11
N ILE A 211 7.94 15.55 -2.86
CA ILE A 211 8.97 16.56 -3.02
C ILE A 211 9.47 17.08 -1.68
N ALA A 212 8.63 17.07 -0.64
CA ALA A 212 9.06 17.55 0.67
C ALA A 212 10.05 16.59 1.31
N LEU A 213 9.77 15.28 1.26
CA LEU A 213 10.64 14.33 1.93
C LEU A 213 12.05 14.28 1.32
N PRO A 214 12.23 14.08 0.01
CA PRO A 214 13.61 14.03 -0.51
C PRO A 214 14.37 15.34 -0.33
N GLY A 215 13.67 16.48 -0.38
CA GLY A 215 14.33 17.74 -0.09
C GLY A 215 14.79 17.82 1.36
N LEU A 216 13.99 17.29 2.28
CA LEU A 216 14.39 17.27 3.68
C LEU A 216 15.60 16.36 3.89
N VAL A 217 15.57 15.17 3.30
CA VAL A 217 16.72 14.27 3.37
C VAL A 217 17.96 14.94 2.81
N LEU A 218 17.79 15.67 1.70
CA LEU A 218 18.92 16.38 1.11
C LEU A 218 19.47 17.45 2.06
N VAL A 219 18.57 18.19 2.72
CA VAL A 219 19.00 19.23 3.64
C VAL A 219 19.78 18.63 4.80
N VAL A 220 19.27 17.52 5.37
CA VAL A 220 19.96 16.90 6.50
C VAL A 220 21.31 16.34 6.08
N TYR A 221 21.37 15.73 4.89
CA TYR A 221 22.63 15.21 4.39
C TYR A 221 23.66 16.32 4.23
N THR A 222 23.26 17.42 3.58
CA THR A 222 24.18 18.55 3.42
C THR A 222 24.52 19.21 4.74
N LEU A 223 23.69 19.03 5.77
CA LEU A 223 24.01 19.57 7.08
C LEU A 223 25.04 18.72 7.81
N VAL A 224 24.90 17.40 7.77
CA VAL A 224 25.84 16.56 8.48
C VAL A 224 27.15 16.40 7.72
N THR A 225 27.12 16.49 6.39
CA THR A 225 28.32 16.30 5.58
C THR A 225 29.05 17.59 5.28
N ARG A 226 28.39 18.75 5.46
CA ARG A 226 28.95 20.05 5.12
C ARG A 226 29.33 20.15 3.64
N ASP A 227 28.71 19.33 2.79
CA ASP A 227 29.01 19.30 1.36
C ASP A 227 27.91 20.08 0.65
N TRP A 228 28.10 21.41 0.57
CA TRP A 228 27.10 22.27 -0.04
C TRP A 228 27.17 22.23 -1.57
N GLY A 229 28.37 22.11 -2.14
CA GLY A 229 28.53 21.95 -3.57
C GLY A 229 27.71 20.82 -4.16
N LEU A 230 27.23 19.90 -3.33
CA LEU A 230 26.29 18.87 -3.78
C LEU A 230 25.12 19.49 -4.54
N TRP A 231 24.60 20.61 -4.04
CA TRP A 231 23.46 21.26 -4.71
C TRP A 231 23.77 21.69 -6.13
N ARG A 232 25.06 21.85 -6.47
CA ARG A 232 25.41 22.20 -7.84
C ARG A 232 25.21 21.03 -8.79
N ARG A 233 25.34 19.81 -8.30
CA ARG A 233 25.22 18.62 -9.14
C ARG A 233 23.81 18.05 -9.14
N LEU A 234 22.80 18.91 -9.14
CA LEU A 234 21.40 18.48 -9.12
C LEU A 234 20.62 18.87 -10.36
N HIS A 235 21.10 19.83 -11.15
CA HIS A 235 20.40 20.31 -12.34
C HIS A 235 19.00 20.81 -11.98
N LEU A 236 18.99 21.86 -11.14
CA LEU A 236 17.73 22.40 -10.64
C LEU A 236 16.87 22.96 -11.78
N ALA A 237 17.50 23.56 -12.78
CA ALA A 237 16.76 24.14 -13.89
C ALA A 237 16.05 23.05 -14.70
N LEU A 238 16.85 22.23 -15.37
CA LEU A 238 16.27 21.18 -16.22
C LEU A 238 15.42 20.22 -15.39
N GLY A 239 15.87 19.88 -14.19
CA GLY A 239 15.11 18.96 -13.37
C GLY A 239 13.77 19.52 -12.94
N VAL A 240 13.78 20.76 -12.43
CA VAL A 240 12.52 21.40 -12.03
C VAL A 240 11.58 21.52 -13.21
N VAL A 241 12.12 21.83 -14.40
CA VAL A 241 11.28 21.91 -15.59
C VAL A 241 10.64 20.56 -15.88
N VAL A 242 11.44 19.50 -15.87
CA VAL A 242 10.92 18.16 -16.15
C VAL A 242 9.88 17.74 -15.13
N MET A 243 10.03 18.18 -13.88
CA MET A 243 9.04 17.87 -12.86
C MET A 243 7.74 18.64 -13.11
N LEU A 244 7.85 19.92 -13.45
CA LEU A 244 6.65 20.73 -13.64
C LEU A 244 5.88 20.29 -14.89
N VAL A 245 6.57 19.83 -15.93
CA VAL A 245 5.89 19.49 -17.17
C VAL A 245 5.17 18.16 -17.03
N ILE A 246 5.34 17.49 -15.88
CA ILE A 246 4.61 16.26 -15.61
C ILE A 246 3.64 16.37 -14.44
N THR A 247 3.85 17.30 -13.50
CA THR A 247 2.90 17.43 -12.40
C THR A 247 1.92 18.58 -12.59
N VAL A 248 2.33 19.65 -13.26
CA VAL A 248 1.42 20.80 -13.44
C VAL A 248 0.20 20.45 -14.27
N PRO A 249 0.28 19.66 -15.38
CA PRO A 249 -0.92 19.42 -16.20
C PRO A 249 -2.16 18.97 -15.44
N TRP A 250 -2.10 17.87 -14.68
CA TRP A 250 -3.30 17.37 -14.04
C TRP A 250 -3.83 18.35 -13.00
N PHE A 251 -2.93 18.95 -12.20
CA PHE A 251 -3.39 19.89 -11.19
C PHE A 251 -4.08 21.09 -11.83
N TYR A 252 -3.56 21.55 -12.96
CA TYR A 252 -4.20 22.67 -13.67
C TYR A 252 -5.57 22.26 -14.23
N LEU A 253 -5.65 21.06 -14.81
CA LEU A 253 -6.91 20.63 -15.40
C LEU A 253 -7.99 20.44 -14.33
N VAL A 254 -7.67 19.69 -13.27
CA VAL A 254 -8.65 19.44 -12.21
C VAL A 254 -8.91 20.70 -11.40
N SER A 255 -8.00 21.68 -11.44
CA SER A 255 -8.25 22.94 -10.75
C SER A 255 -9.15 23.86 -11.56
N VAL A 256 -9.01 23.84 -12.89
CA VAL A 256 -9.88 24.64 -13.73
C VAL A 256 -11.28 24.04 -13.79
N ARG A 257 -11.37 22.74 -14.04
CA ARG A 257 -12.69 22.09 -14.09
C ARG A 257 -13.36 22.10 -12.73
N ASN A 258 -12.58 22.09 -11.64
CA ASN A 258 -13.12 22.10 -10.28
C ASN A 258 -12.35 23.15 -9.49
N PRO A 259 -12.87 24.37 -9.39
CA PRO A 259 -12.14 25.43 -8.66
C PRO A 259 -11.98 25.15 -7.17
N GLU A 260 -12.79 24.27 -6.59
CA GLU A 260 -12.68 23.97 -5.17
C GLU A 260 -11.61 22.93 -4.86
N PHE A 261 -10.88 22.45 -5.87
CA PHE A 261 -9.89 21.40 -5.63
C PHE A 261 -8.67 21.90 -4.88
N PRO A 262 -7.97 22.96 -5.31
CA PRO A 262 -6.66 23.26 -4.68
C PRO A 262 -6.75 23.60 -3.20
N ASN A 263 -7.78 24.33 -2.79
CA ASN A 263 -7.92 24.68 -1.37
C ASN A 263 -8.06 23.43 -0.51
N PHE A 264 -8.96 22.52 -0.91
CA PHE A 264 -9.16 21.30 -0.15
C PHE A 264 -7.91 20.43 -0.16
N PHE A 265 -7.37 20.17 -1.36
CA PHE A 265 -6.29 19.19 -1.48
C PHE A 265 -5.00 19.68 -0.83
N PHE A 266 -4.69 20.97 -0.98
CA PHE A 266 -3.43 21.48 -0.44
C PHE A 266 -3.55 21.93 1.00
N ILE A 267 -4.72 22.38 1.44
CA ILE A 267 -4.87 22.85 2.81
C ILE A 267 -5.27 21.69 3.72
N HIS A 268 -6.43 21.08 3.42
CA HIS A 268 -7.00 20.11 4.35
C HIS A 268 -6.24 18.79 4.35
N GLU A 269 -5.70 18.38 3.20
CA GLU A 269 -5.05 17.08 3.08
C GLU A 269 -3.57 17.10 3.44
N HIS A 270 -2.98 18.28 3.63
CA HIS A 270 -1.58 18.39 4.01
C HIS A 270 -1.40 19.14 5.32
N TRP A 271 -1.87 20.40 5.41
CA TRP A 271 -1.63 21.18 6.61
C TRP A 271 -2.52 20.72 7.75
N GLN A 272 -3.83 20.61 7.49
CA GLN A 272 -4.75 20.14 8.52
C GLN A 272 -4.44 18.69 8.91
N ARG A 273 -3.89 17.91 7.99
CA ARG A 273 -3.59 16.51 8.27
C ARG A 273 -2.32 16.36 9.10
N TYR A 274 -1.28 17.12 8.79
CA TYR A 274 -0.01 16.98 9.51
C TYR A 274 -0.01 17.73 10.82
N THR A 275 -0.47 19.00 10.81
CA THR A 275 -0.35 19.86 11.97
C THR A 275 -1.50 19.72 12.96
N SER A 276 -2.62 19.13 12.56
CA SER A 276 -3.78 18.99 13.43
C SER A 276 -4.30 17.56 13.38
N ASN A 277 -5.00 17.18 14.45
CA ASN A 277 -5.54 15.84 14.57
C ASN A 277 -6.65 15.59 13.55
N ARG A 281 -6.98 9.34 13.21
CA ARG A 281 -5.76 8.66 12.79
C ARG A 281 -4.56 9.17 13.58
N SER A 282 -4.80 9.53 14.85
CA SER A 282 -3.74 10.04 15.71
C SER A 282 -2.97 8.90 16.35
N GLY A 283 -1.98 9.26 17.17
CA GLY A 283 -1.17 8.26 17.84
C GLY A 283 -0.03 8.92 18.60
N SER A 284 0.75 8.07 19.24
CA SER A 284 1.90 8.51 20.02
C SER A 284 3.09 8.78 19.11
N VAL A 285 4.17 9.29 19.71
CA VAL A 285 5.39 9.56 18.94
C VAL A 285 6.02 8.25 18.49
N PHE A 286 5.99 7.23 19.34
CA PHE A 286 6.58 5.93 19.04
C PHE A 286 5.66 5.04 18.19
N TYR A 287 4.65 5.63 17.55
CA TYR A 287 3.66 4.84 16.82
C TYR A 287 4.30 4.01 15.71
N PHE A 288 5.37 4.51 15.10
CA PHE A 288 6.07 3.77 14.05
C PHE A 288 7.28 3.03 14.55
N LEU A 289 7.56 3.07 15.86
CA LEU A 289 8.69 2.32 16.40
C LEU A 289 8.52 0.81 16.22
N PRO A 290 7.38 0.19 16.57
CA PRO A 290 7.25 -1.24 16.29
C PRO A 290 7.01 -1.54 14.82
N LEU A 291 6.23 -0.70 14.14
CA LEU A 291 5.92 -0.94 12.73
C LEU A 291 7.17 -1.03 11.88
N VAL A 292 8.24 -0.33 12.28
CA VAL A 292 9.54 -0.53 11.61
C VAL A 292 10.11 -1.88 12.00
N ILE A 293 10.27 -2.11 13.31
CA ILE A 293 10.84 -3.36 13.79
C ILE A 293 10.00 -4.55 13.32
N GLY A 294 8.68 -4.36 13.24
CA GLY A 294 7.83 -5.39 12.66
C GLY A 294 7.99 -5.47 11.16
N GLY A 295 8.04 -4.32 10.48
CA GLY A 295 8.15 -4.31 9.04
C GLY A 295 9.49 -4.73 8.50
N PHE A 296 10.50 -4.83 9.36
CA PHE A 296 11.83 -5.28 9.01
C PHE A 296 12.29 -6.36 9.97
N LEU A 297 11.36 -7.26 10.33
CA LEU A 297 11.63 -8.20 11.41
C LEU A 297 12.74 -9.20 11.09
N PRO A 298 12.77 -9.86 9.92
CA PRO A 298 13.81 -10.87 9.69
C PRO A 298 15.22 -10.33 9.77
N TRP A 299 15.41 -9.02 9.67
CA TRP A 299 16.73 -8.40 9.76
C TRP A 299 16.90 -7.57 11.02
N ALA A 300 15.98 -7.69 11.98
CA ALA A 300 16.09 -6.93 13.22
C ALA A 300 17.43 -7.18 13.90
N GLY A 301 17.95 -8.42 13.78
CA GLY A 301 19.21 -8.74 14.43
C GLY A 301 20.39 -7.95 13.90
N ILE A 302 20.28 -7.47 12.67
CA ILE A 302 21.34 -6.63 12.09
C ILE A 302 20.94 -5.16 12.10
N PHE A 303 19.94 -4.79 12.91
CA PHE A 303 19.56 -3.38 13.01
C PHE A 303 20.71 -2.49 13.45
N PRO A 304 21.50 -2.83 14.48
CA PRO A 304 22.64 -1.95 14.81
C PRO A 304 23.69 -1.90 13.71
N LYS A 305 23.96 -3.03 13.06
CA LYS A 305 24.98 -3.05 12.01
C LYS A 305 24.61 -2.12 10.87
N LEU A 306 23.31 -1.96 10.59
CA LEU A 306 22.88 -0.98 9.59
C LEU A 306 23.43 0.40 9.91
N TRP A 307 23.35 0.80 11.19
CA TRP A 307 23.93 2.07 11.61
C TRP A 307 25.42 2.12 11.29
N THR A 308 26.13 1.02 11.52
CA THR A 308 27.55 0.96 11.19
C THR A 308 27.79 1.20 9.70
N ALA A 309 26.83 0.80 8.85
CA ALA A 309 26.95 1.05 7.43
C ALA A 309 27.03 2.54 7.13
N MET A 310 26.37 3.37 7.94
CA MET A 310 26.44 4.81 7.75
C MET A 310 27.79 5.39 8.10
N ARG A 311 28.66 4.63 8.77
CA ARG A 311 29.99 5.13 9.07
C ARG A 311 30.93 4.98 7.87
N ALA A 312 30.91 3.82 7.22
CA ALA A 312 31.74 3.54 6.06
C ALA A 312 30.84 3.31 4.85
N PRO A 313 30.48 4.38 4.12
CA PRO A 313 29.61 4.28 2.95
C PRO A 313 30.38 3.89 1.68
N ARG A 320 33.95 11.42 -1.28
CA ARG A 320 33.12 12.61 -1.50
C ARG A 320 31.67 12.35 -1.08
N PHE A 321 30.91 11.73 -1.98
CA PHE A 321 29.51 11.43 -1.71
C PHE A 321 29.38 10.18 -0.86
N ARG A 322 28.51 10.24 0.14
CA ARG A 322 28.33 9.14 1.09
C ARG A 322 26.96 8.49 0.87
N PRO A 323 26.90 7.37 0.14
CA PRO A 323 25.59 6.77 -0.17
C PRO A 323 24.89 6.16 1.03
N ALA A 324 25.62 5.35 1.80
CA ALA A 324 25.02 4.71 2.97
C ALA A 324 24.51 5.74 3.96
N LEU A 325 25.24 6.84 4.13
CA LEU A 325 24.73 7.92 4.97
C LEU A 325 23.50 8.56 4.35
N MET A 326 23.42 8.61 3.02
CA MET A 326 22.24 9.16 2.38
C MET A 326 21.02 8.29 2.64
N ALA A 327 21.18 6.97 2.59
CA ALA A 327 20.06 6.07 2.88
C ALA A 327 19.68 6.13 4.34
N GLY A 328 20.66 6.20 5.24
CA GLY A 328 20.37 6.31 6.66
C GLY A 328 19.64 7.60 6.99
N ILE A 329 20.04 8.71 6.37
CA ILE A 329 19.35 9.98 6.55
C ILE A 329 17.97 9.93 5.92
N TRP A 330 17.81 9.12 4.86
CA TRP A 330 16.49 8.89 4.29
C TRP A 330 15.56 8.25 5.31
N ALA A 331 15.98 7.09 5.84
CA ALA A 331 15.12 6.35 6.77
C ALA A 331 14.88 7.13 8.05
N ILE A 332 15.94 7.70 8.63
CA ILE A 332 15.78 8.42 9.89
C ILE A 332 14.98 9.71 9.68
N ALA A 333 15.23 10.42 8.59
CA ALA A 333 14.52 11.67 8.33
C ALA A 333 13.03 11.42 8.12
N ILE A 334 12.69 10.44 7.29
CA ILE A 334 11.27 10.16 7.05
C ILE A 334 10.61 9.60 8.31
N PHE A 335 11.33 8.74 9.05
CA PHE A 335 10.78 8.16 10.27
C PHE A 335 10.47 9.25 11.29
N VAL A 336 11.38 10.20 11.46
CA VAL A 336 11.11 11.31 12.37
C VAL A 336 10.01 12.20 11.82
N PHE A 337 9.94 12.37 10.51
CA PHE A 337 8.91 13.22 9.92
C PHE A 337 7.52 12.68 10.20
N PHE A 338 7.33 11.38 10.03
CA PHE A 338 6.01 10.79 10.29
C PHE A 338 5.79 10.46 11.76
N SER A 339 6.86 10.40 12.56
CA SER A 339 6.69 10.10 13.98
C SER A 339 6.15 11.28 14.77
N ILE A 340 6.24 12.49 14.22
CA ILE A 340 5.73 13.69 14.88
C ILE A 340 4.50 14.25 14.16
N SER A 341 3.98 13.53 13.19
CA SER A 341 2.77 13.96 12.49
C SER A 341 1.54 13.69 13.36
N ARG A 342 0.55 14.56 13.23
CA ARG A 342 -0.69 14.38 14.01
C ARG A 342 -1.53 13.23 13.44
N SER A 343 -1.52 13.04 12.13
CA SER A 343 -2.22 11.94 11.50
C SER A 343 -1.21 10.83 11.16
N LYS A 344 -1.49 9.61 11.61
CA LYS A 344 -0.59 8.49 11.42
C LYS A 344 -1.36 7.28 10.93
N LEU A 345 -0.85 6.66 9.88
CA LEU A 345 -1.29 5.37 9.38
C LEU A 345 -0.07 4.48 9.17
N PRO A 346 -0.22 3.16 9.34
CA PRO A 346 0.96 2.29 9.28
C PRO A 346 1.70 2.35 7.97
N GLY A 347 1.02 2.63 6.86
CA GLY A 347 1.67 2.68 5.57
C GLY A 347 2.47 3.94 5.29
N TYR A 348 2.57 4.85 6.25
CA TYR A 348 3.31 6.09 6.01
C TYR A 348 4.81 5.83 5.89
N ILE A 349 5.33 4.88 6.65
CA ILE A 349 6.79 4.71 6.77
C ILE A 349 7.27 3.61 5.84
N VAL A 350 6.43 3.20 4.89
CA VAL A 350 6.86 2.23 3.89
C VAL A 350 8.00 2.77 3.03
N PRO A 351 8.01 4.04 2.61
CA PRO A 351 9.16 4.52 1.79
C PRO A 351 10.52 4.37 2.45
N VAL A 352 10.59 4.15 3.77
CA VAL A 352 11.90 3.99 4.41
C VAL A 352 12.47 2.61 4.21
N ILE A 353 11.67 1.65 3.75
CA ILE A 353 12.09 0.26 3.62
C ILE A 353 13.13 0.08 2.51
N PRO A 354 12.96 0.68 1.32
CA PRO A 354 14.02 0.51 0.30
C PRO A 354 15.39 0.96 0.77
N ALA A 355 15.51 2.19 1.30
CA ALA A 355 16.78 2.63 1.85
C ALA A 355 17.25 1.69 2.94
N LEU A 356 16.37 1.35 3.87
CA LEU A 356 16.70 0.39 4.92
C LEU A 356 17.16 -0.94 4.31
N GLY A 357 16.64 -1.30 3.15
CA GLY A 357 17.12 -2.50 2.47
C GLY A 357 18.54 -2.35 1.98
N ILE A 358 18.85 -1.19 1.38
CA ILE A 358 20.19 -0.97 0.83
C ILE A 358 21.24 -1.14 1.93
N LEU A 359 21.08 -0.41 3.03
CA LEU A 359 21.97 -0.57 4.18
C LEU A 359 22.05 -2.04 4.60
N ALA A 360 20.92 -2.75 4.58
CA ALA A 360 20.94 -4.17 4.88
C ALA A 360 21.90 -4.92 3.98
N GLY A 361 21.78 -4.70 2.66
CA GLY A 361 22.69 -5.32 1.71
C GLY A 361 24.14 -4.99 1.97
N VAL A 362 24.41 -3.87 2.62
CA VAL A 362 25.78 -3.57 3.05
C VAL A 362 26.16 -4.44 4.24
N ALA A 363 25.31 -4.44 5.28
CA ALA A 363 25.63 -5.15 6.51
C ALA A 363 25.83 -6.64 6.25
N LEU A 364 24.86 -7.26 5.58
CA LEU A 364 24.96 -8.67 5.26
C LEU A 364 26.21 -9.00 4.45
N ASP A 365 26.78 -8.01 3.76
CA ASP A 365 27.98 -8.28 2.96
C ASP A 365 29.25 -8.35 3.79
N ARG A 366 29.23 -7.80 5.02
CA ARG A 366 30.40 -7.80 5.88
C ARG A 366 30.33 -8.86 6.97
N LEU A 367 29.45 -9.84 6.81
CA LEU A 367 29.21 -10.84 7.85
C LEU A 367 29.98 -12.11 7.56
N SER A 368 30.64 -12.64 8.59
CA SER A 368 31.27 -13.95 8.50
C SER A 368 30.22 -15.04 8.66
N PRO A 369 30.54 -16.29 8.28
CA PRO A 369 29.56 -17.38 8.44
C PRO A 369 28.98 -17.50 9.84
N ARG A 370 29.83 -17.41 10.88
CA ARG A 370 29.33 -17.49 12.25
C ARG A 370 28.41 -16.30 12.55
N SER A 371 28.77 -15.12 12.07
CA SER A 371 27.94 -13.93 12.31
C SER A 371 26.54 -14.11 11.76
N TRP A 372 26.41 -14.77 10.60
CA TRP A 372 25.08 -15.09 10.10
C TRP A 372 24.46 -16.24 10.89
N GLY A 373 25.27 -17.16 11.41
CA GLY A 373 24.74 -18.20 12.26
C GLY A 373 24.02 -17.65 13.47
N LYS A 374 24.58 -16.60 14.08
CA LYS A 374 23.89 -15.93 15.19
C LYS A 374 22.51 -15.43 14.76
N GLN A 375 22.41 -14.91 13.53
CA GLN A 375 21.12 -14.43 13.05
C GLN A 375 20.15 -15.58 12.83
N LEU A 376 20.63 -16.71 12.30
CA LEU A 376 19.75 -17.86 12.10
C LEU A 376 19.25 -18.40 13.43
N ILE A 377 20.11 -18.43 14.44
CA ILE A 377 19.69 -18.92 15.76
C ILE A 377 18.68 -17.97 16.39
N GLY A 378 19.03 -16.69 16.47
CA GLY A 378 18.13 -15.73 17.09
C GLY A 378 16.78 -15.67 16.41
N MET A 379 16.79 -15.55 15.07
CA MET A 379 15.54 -15.50 14.34
C MET A 379 14.79 -16.83 14.36
N ALA A 380 15.50 -17.94 14.57
CA ALA A 380 14.81 -19.20 14.81
C ALA A 380 14.06 -19.16 16.13
N ILE A 381 14.67 -18.57 17.16
CA ILE A 381 13.97 -18.43 18.44
C ILE A 381 12.78 -17.48 18.30
N VAL A 382 12.94 -16.41 17.53
CA VAL A 382 11.85 -15.46 17.35
C VAL A 382 10.70 -16.09 16.60
N ALA A 383 11.00 -16.84 15.53
CA ALA A 383 9.95 -17.52 14.79
C ALA A 383 9.28 -18.60 15.63
N ALA A 384 10.03 -19.28 16.50
CA ALA A 384 9.43 -20.25 17.40
C ALA A 384 8.50 -19.57 18.39
N CYS A 385 8.88 -18.39 18.89
CA CYS A 385 7.98 -17.62 19.76
C CYS A 385 6.73 -17.20 19.01
N GLY A 386 6.87 -16.81 17.74
CA GLY A 386 5.69 -16.53 16.94
C GLY A 386 4.81 -17.74 16.73
N LEU A 387 5.42 -18.92 16.65
CA LEU A 387 4.63 -20.15 16.52
C LEU A 387 3.88 -20.46 17.81
N LEU A 388 4.53 -20.29 18.96
CA LEU A 388 3.83 -20.51 20.22
C LEU A 388 2.76 -19.47 20.47
N ALA A 389 2.91 -18.27 19.89
CA ALA A 389 1.94 -17.19 20.08
C ALA A 389 0.84 -17.19 19.03
N SER A 390 0.73 -18.25 18.23
CA SER A 390 -0.32 -18.35 17.22
C SER A 390 -1.72 -18.47 17.80
N PRO A 391 -1.96 -19.23 18.88
CA PRO A 391 -3.32 -19.33 19.41
C PRO A 391 -3.91 -18.02 19.91
N VAL A 392 -3.12 -16.95 20.01
CA VAL A 392 -3.66 -15.67 20.45
C VAL A 392 -4.69 -15.14 19.44
N VAL A 393 -4.48 -15.41 18.16
CA VAL A 393 -5.40 -14.93 17.13
C VAL A 393 -6.77 -15.56 17.30
N ALA A 394 -6.84 -16.76 17.86
CA ALA A 394 -8.11 -17.44 18.08
C ALA A 394 -8.95 -16.80 19.16
N THR A 395 -8.50 -15.71 19.77
CA THR A 395 -9.26 -15.00 20.79
C THR A 395 -9.82 -13.67 20.29
N LEU A 396 -9.32 -13.16 19.17
CA LEU A 396 -9.72 -11.84 18.70
C LEU A 396 -11.04 -11.91 17.95
N ASN A 397 -11.74 -10.78 17.94
CA ASN A 397 -12.92 -10.58 17.10
C ASN A 397 -13.05 -9.09 16.84
N ALA A 398 -12.59 -8.65 15.67
CA ALA A 398 -12.54 -7.24 15.32
C ALA A 398 -13.46 -6.96 14.14
N ASN A 399 -13.85 -5.69 14.03
CA ASN A 399 -14.71 -5.21 12.94
C ASN A 399 -16.01 -5.98 12.84
N HIS A 400 -16.53 -6.42 13.99
CA HIS A 400 -17.79 -7.17 14.07
C HIS A 400 -17.74 -8.43 13.21
N ILE A 401 -16.61 -9.12 13.24
CA ILE A 401 -16.42 -10.40 12.56
C ILE A 401 -16.34 -11.48 13.62
N PRO A 402 -17.10 -12.57 13.49
CA PRO A 402 -17.15 -13.57 14.56
C PRO A 402 -15.80 -14.21 14.82
N ASN A 403 -15.71 -14.87 15.98
CA ASN A 403 -14.46 -15.46 16.43
C ASN A 403 -14.08 -16.69 15.61
N SER A 404 -15.01 -17.27 14.87
CA SER A 404 -14.71 -18.48 14.11
C SER A 404 -13.71 -18.19 13.00
N PHE A 405 -13.87 -17.07 12.29
CA PHE A 405 -12.96 -16.74 11.20
C PHE A 405 -11.55 -16.53 11.71
N TYR A 406 -11.41 -15.94 12.91
CA TYR A 406 -10.08 -15.77 13.48
C TYR A 406 -9.53 -17.09 14.00
N ARG A 407 -10.39 -17.98 14.48
CA ARG A 407 -9.96 -19.35 14.79
C ARG A 407 -9.39 -20.02 13.56
N ALA A 408 -9.99 -19.78 12.39
CA ALA A 408 -9.42 -20.28 11.14
C ALA A 408 -8.17 -19.51 10.73
N TYR A 409 -8.02 -18.28 11.17
CA TYR A 409 -6.85 -17.48 10.82
C TYR A 409 -5.62 -17.97 11.58
N ALA A 410 -5.79 -18.33 12.86
CA ALA A 410 -4.66 -18.77 13.66
C ALA A 410 -3.96 -19.98 13.05
N VAL A 411 -4.70 -20.81 12.31
CA VAL A 411 -4.10 -21.96 11.65
C VAL A 411 -3.11 -21.49 10.59
N TRP A 412 -3.50 -20.51 9.77
CA TRP A 412 -2.61 -20.03 8.73
C TRP A 412 -1.46 -19.22 9.29
N VAL A 413 -1.67 -18.53 10.42
CA VAL A 413 -0.56 -17.86 11.09
C VAL A 413 0.47 -18.89 11.56
N ALA A 414 0.00 -19.95 12.21
CA ALA A 414 0.89 -21.00 12.67
C ALA A 414 1.63 -21.66 11.52
N VAL A 415 0.92 -21.95 10.43
CA VAL A 415 1.57 -22.52 9.26
C VAL A 415 2.62 -21.57 8.71
N ALA A 416 2.34 -20.27 8.74
CA ALA A 416 3.31 -19.28 8.29
C ALA A 416 4.59 -19.34 9.11
N PHE A 417 4.45 -19.29 10.45
CA PHE A 417 5.64 -19.40 11.30
C PHE A 417 6.36 -20.71 11.09
N VAL A 418 5.63 -21.79 10.79
CA VAL A 418 6.27 -23.06 10.51
C VAL A 418 7.11 -22.96 9.24
N VAL A 419 6.58 -22.32 8.21
CA VAL A 419 7.36 -22.10 6.99
C VAL A 419 8.62 -21.31 7.30
N MET A 420 8.50 -20.31 8.18
CA MET A 420 9.69 -19.55 8.58
C MET A 420 10.72 -20.44 9.25
N LEU A 421 10.27 -21.33 10.14
CA LEU A 421 11.21 -22.22 10.83
C LEU A 421 11.86 -23.18 9.84
N LEU A 422 11.12 -23.65 8.85
CA LEU A 422 11.71 -24.53 7.83
C LEU A 422 12.77 -23.79 7.03
N GLY A 423 12.44 -22.57 6.59
CA GLY A 423 13.43 -21.79 5.85
C GLY A 423 14.69 -21.52 6.65
N ILE A 424 14.53 -21.21 7.94
CA ILE A 424 15.70 -21.00 8.79
C ILE A 424 16.51 -22.29 8.92
N ALA A 425 15.82 -23.43 9.05
CA ALA A 425 16.52 -24.71 9.19
C ALA A 425 17.34 -25.02 7.94
N VAL A 426 16.69 -24.97 6.76
CA VAL A 426 17.41 -25.23 5.52
C VAL A 426 18.54 -24.23 5.33
N ALA A 427 18.33 -22.98 5.76
CA ALA A 427 19.40 -21.99 5.69
C ALA A 427 20.59 -22.41 6.53
N ARG A 428 20.34 -22.90 7.74
CA ARG A 428 21.43 -23.41 8.56
C ARG A 428 22.09 -24.62 7.92
N LEU A 429 21.33 -25.44 7.19
CA LEU A 429 21.91 -26.57 6.48
C LEU A 429 22.84 -26.11 5.38
N LEU A 430 22.50 -25.01 4.70
CA LEU A 430 23.29 -24.50 3.59
C LEU A 430 24.32 -23.46 4.03
N LEU A 431 24.43 -23.17 5.32
CA LEU A 431 25.41 -22.18 5.77
C LEU A 431 26.84 -22.61 5.42
N ARG A 432 27.10 -23.91 5.43
CA ARG A 432 28.43 -24.40 5.05
C ARG A 432 28.74 -24.11 3.59
N ARG A 433 27.72 -23.91 2.75
CA ARG A 433 27.91 -23.56 1.35
C ARG A 433 28.24 -22.09 1.15
N GLY A 434 28.19 -21.28 2.21
CA GLY A 434 28.42 -19.86 2.12
C GLY A 434 27.32 -19.07 2.80
N VAL A 435 27.61 -17.78 2.99
CA VAL A 435 26.64 -16.90 3.64
C VAL A 435 25.55 -16.49 2.67
N LEU A 436 25.91 -16.25 1.40
CA LEU A 436 24.92 -15.80 0.42
C LEU A 436 23.81 -16.82 0.18
N PRO A 437 24.09 -18.11 -0.07
CA PRO A 437 22.96 -19.04 -0.26
C PRO A 437 22.13 -19.24 0.99
N SER A 438 22.75 -19.20 2.18
CA SER A 438 21.99 -19.32 3.41
C SER A 438 21.05 -18.14 3.60
N VAL A 439 21.53 -16.93 3.31
CA VAL A 439 20.66 -15.76 3.38
C VAL A 439 19.58 -15.83 2.30
N ALA A 440 19.89 -16.45 1.15
CA ALA A 440 18.90 -16.58 0.10
C ALA A 440 17.77 -17.50 0.50
N VAL A 441 18.10 -18.67 1.05
CA VAL A 441 17.06 -19.60 1.51
C VAL A 441 16.32 -19.01 2.71
N TYR A 442 17.03 -18.27 3.56
CA TYR A 442 16.38 -17.62 4.70
C TYR A 442 15.35 -16.60 4.24
N ALA A 443 15.73 -15.74 3.28
CA ALA A 443 14.82 -14.74 2.77
C ALA A 443 13.66 -15.35 2.00
N MET A 444 13.92 -16.46 1.29
CA MET A 444 12.84 -17.14 0.59
C MET A 444 11.84 -17.74 1.57
N GLY A 445 12.34 -18.35 2.64
CA GLY A 445 11.45 -18.89 3.65
C GLY A 445 10.64 -17.81 4.36
N MET A 446 11.28 -16.67 4.66
CA MET A 446 10.56 -15.57 5.28
C MET A 446 9.50 -15.01 4.35
N TYR A 447 9.84 -14.83 3.07
CA TYR A 447 8.86 -14.29 2.12
C TYR A 447 7.69 -15.24 1.94
N LEU A 448 7.96 -16.54 1.78
CA LEU A 448 6.88 -17.51 1.67
C LEU A 448 6.04 -17.53 2.95
N GLY A 449 6.67 -17.41 4.10
CA GLY A 449 5.97 -17.42 5.36
C GLY A 449 5.01 -16.24 5.51
N PHE A 450 5.54 -15.02 5.38
CA PHE A 450 4.68 -13.85 5.48
C PHE A 450 3.63 -13.82 4.37
N THR A 451 3.94 -14.44 3.22
CA THR A 451 2.93 -14.56 2.17
C THR A 451 1.80 -15.48 2.63
N VAL A 452 2.13 -16.59 3.28
CA VAL A 452 1.10 -17.47 3.83
C VAL A 452 0.28 -16.74 4.88
N ALA A 453 0.93 -15.97 5.74
CA ALA A 453 0.20 -15.21 6.74
C ALA A 453 -0.68 -14.14 6.10
N LEU A 454 -0.29 -13.64 4.93
CA LEU A 454 -1.11 -12.65 4.23
C LEU A 454 -2.33 -13.30 3.60
N LEU A 455 -2.13 -14.43 2.91
CA LEU A 455 -3.25 -15.11 2.29
C LEU A 455 -4.21 -15.69 3.33
N GLY A 456 -3.69 -16.01 4.53
CA GLY A 456 -4.55 -16.49 5.60
C GLY A 456 -5.56 -15.47 6.05
N HIS A 457 -5.29 -14.19 5.85
CA HIS A 457 -6.24 -13.15 6.18
C HIS A 457 -7.50 -13.21 5.32
N GLU A 458 -7.48 -13.99 4.24
CA GLU A 458 -8.69 -14.16 3.42
C GLU A 458 -9.83 -14.75 4.24
N THR A 459 -9.51 -15.58 5.23
CA THR A 459 -10.55 -16.15 6.09
C THR A 459 -11.34 -15.07 6.80
N VAL A 460 -10.70 -13.95 7.12
CA VAL A 460 -11.38 -12.84 7.78
C VAL A 460 -11.92 -11.82 6.77
N GLY A 461 -11.21 -11.62 5.66
CA GLY A 461 -11.62 -10.59 4.71
C GLY A 461 -12.77 -11.01 3.82
N ARG A 462 -12.93 -12.31 3.58
CA ARG A 462 -14.02 -12.76 2.72
C ARG A 462 -15.39 -12.44 3.27
N PRO A 463 -15.73 -12.74 4.54
CA PRO A 463 -17.06 -12.34 5.04
C PRO A 463 -17.23 -10.84 5.16
N ALA A 464 -16.15 -10.08 5.26
CA ALA A 464 -16.27 -8.64 5.36
C ALA A 464 -16.35 -7.99 3.97
N SER A 465 -15.77 -8.62 2.96
CA SER A 465 -15.78 -8.05 1.62
C SER A 465 -17.18 -8.03 1.03
N GLY A 466 -18.11 -8.81 1.55
CA GLY A 466 -19.44 -8.86 0.99
C GLY A 466 -19.51 -9.41 -0.41
N ALA A 467 -18.51 -10.18 -0.84
CA ALA A 467 -18.51 -10.74 -2.18
C ALA A 467 -19.42 -11.95 -2.31
N ASP A 468 -19.75 -12.61 -1.19
CA ASP A 468 -20.63 -13.77 -1.26
C ASP A 468 -22.07 -13.37 -1.60
N ILE A 469 -22.52 -12.22 -1.12
CA ILE A 469 -23.88 -11.76 -1.41
C ILE A 469 -23.98 -11.02 -2.74
N ALA A 470 -22.86 -10.66 -3.35
CA ALA A 470 -22.89 -9.94 -4.62
C ALA A 470 -23.60 -10.71 -5.73
N PRO A 471 -23.43 -12.03 -5.89
CA PRO A 471 -24.24 -12.72 -6.91
C PRO A 471 -25.73 -12.70 -6.61
N GLN A 472 -26.12 -12.92 -5.36
CA GLN A 472 -27.54 -12.89 -5.00
C GLN A 472 -28.13 -11.50 -5.22
N ILE A 473 -27.33 -10.45 -5.09
CA ILE A 473 -27.84 -9.11 -5.34
C ILE A 473 -27.91 -8.83 -6.84
N ALA A 474 -26.89 -9.24 -7.60
CA ALA A 474 -26.81 -8.89 -9.01
C ALA A 474 -27.85 -9.61 -9.86
N GLN A 475 -28.52 -10.64 -9.33
CA GLN A 475 -29.56 -11.32 -10.09
C GLN A 475 -30.77 -10.44 -10.33
N LYS A 476 -30.97 -9.41 -9.51
CA LYS A 476 -32.09 -8.49 -9.66
C LYS A 476 -31.67 -7.05 -9.87
N LEU A 477 -30.45 -6.68 -9.52
CA LEU A 477 -30.00 -5.30 -9.62
C LEU A 477 -29.64 -4.95 -11.06
N THR A 478 -30.07 -3.77 -11.49
CA THR A 478 -29.81 -3.24 -12.82
C THR A 478 -29.00 -1.96 -12.73
N PRO A 479 -28.29 -1.57 -13.80
CA PRO A 479 -27.52 -0.32 -13.74
C PRO A 479 -28.39 0.92 -13.62
N GLU A 480 -29.65 0.88 -14.05
CA GLU A 480 -30.53 2.01 -13.92
C GLU A 480 -31.12 2.15 -12.52
N MET A 481 -30.90 1.17 -11.64
CA MET A 481 -31.48 1.16 -10.31
C MET A 481 -30.56 1.84 -9.30
N PRO A 482 -31.11 2.64 -8.40
CA PRO A 482 -30.30 3.20 -7.31
C PRO A 482 -29.98 2.16 -6.25
N LEU A 483 -28.80 2.31 -5.65
CA LEU A 483 -28.35 1.50 -4.53
C LEU A 483 -28.00 2.46 -3.40
N TYR A 484 -28.97 2.77 -2.56
CA TYR A 484 -28.80 3.79 -1.53
C TYR A 484 -27.94 3.24 -0.39
N GLY A 485 -26.81 3.91 -0.14
CA GLY A 485 -26.02 3.61 1.02
C GLY A 485 -26.57 4.35 2.22
N VAL A 486 -27.43 3.68 2.99
CA VAL A 486 -28.16 4.33 4.08
C VAL A 486 -27.21 4.46 5.27
N GLN A 487 -26.60 5.64 5.41
CA GLN A 487 -25.69 5.95 6.51
C GLN A 487 -24.55 4.96 6.62
N MET A 488 -24.14 4.38 5.48
CA MET A 488 -23.05 3.42 5.45
C MET A 488 -22.32 3.56 4.13
N LEU A 489 -21.01 3.78 4.21
CA LEU A 489 -20.16 3.86 3.02
C LEU A 489 -19.46 2.51 2.88
N ASP A 490 -19.99 1.66 2.01
CA ASP A 490 -19.40 0.36 1.74
C ASP A 490 -18.33 0.50 0.66
N HIS A 491 -17.14 -0.01 0.94
CA HIS A 491 -16.03 0.15 0.02
C HIS A 491 -15.86 -1.03 -0.94
N THR A 492 -16.19 -2.24 -0.48
CA THR A 492 -15.95 -3.45 -1.27
C THR A 492 -17.18 -3.93 -2.03
N LEU A 493 -18.38 -3.73 -1.48
CA LEU A 493 -19.58 -4.24 -2.15
C LEU A 493 -19.85 -3.57 -3.48
N PRO A 494 -19.81 -2.23 -3.61
CA PRO A 494 -20.09 -1.62 -4.92
C PRO A 494 -19.12 -2.06 -6.01
N PHE A 495 -17.89 -2.44 -5.65
CA PHE A 495 -16.95 -2.90 -6.67
C PHE A 495 -17.36 -4.26 -7.22
N TYR A 496 -17.58 -5.23 -6.33
CA TYR A 496 -18.00 -6.56 -6.78
C TYR A 496 -19.36 -6.50 -7.47
N LEU A 497 -20.18 -5.50 -7.13
CA LEU A 497 -21.44 -5.31 -7.84
C LEU A 497 -21.28 -4.54 -9.14
N ARG A 498 -20.13 -3.88 -9.33
CA ARG A 498 -19.92 -2.97 -10.46
C ARG A 498 -21.07 -1.96 -10.53
N HIS A 499 -21.34 -1.32 -9.40
CA HIS A 499 -22.48 -0.43 -9.28
C HIS A 499 -22.25 0.58 -8.16
N PRO A 500 -22.19 1.87 -8.47
CA PRO A 500 -21.92 2.88 -7.44
C PRO A 500 -23.05 2.97 -6.42
N LEU A 501 -22.77 3.69 -5.35
CA LEU A 501 -23.72 3.93 -4.28
C LEU A 501 -24.33 5.32 -4.39
N MET A 502 -25.51 5.48 -3.80
CA MET A 502 -26.15 6.77 -3.64
C MET A 502 -26.20 7.07 -2.15
N MET A 503 -25.32 7.97 -1.71
CA MET A 503 -25.12 8.19 -0.28
C MET A 503 -26.37 8.79 0.36
N VAL A 504 -26.80 8.19 1.48
CA VAL A 504 -27.95 8.64 2.25
C VAL A 504 -27.48 8.96 3.66
N GLY A 505 -27.79 10.16 4.12
CA GLY A 505 -27.39 10.58 5.45
C GLY A 505 -25.92 10.93 5.54
N GLN A 506 -25.27 10.51 6.63
CA GLN A 506 -23.86 10.80 6.85
C GLN A 506 -23.00 10.14 5.78
N ALA A 507 -22.44 10.95 4.88
CA ALA A 507 -21.70 10.43 3.74
C ALA A 507 -20.26 10.09 4.05
N ASP A 508 -19.78 10.39 5.26
CA ASP A 508 -18.41 10.09 5.70
C ASP A 508 -17.45 10.85 4.79
N GLU A 509 -16.42 10.21 4.23
CA GLU A 509 -15.39 10.90 3.46
C GLU A 509 -15.89 11.39 2.11
N LEU A 510 -17.14 11.14 1.76
CA LEU A 510 -17.75 11.73 0.57
C LEU A 510 -18.54 12.99 0.90
N THR A 511 -18.55 13.41 2.17
CA THR A 511 -19.32 14.58 2.59
C THR A 511 -19.01 15.78 1.70
N PHE A 512 -17.72 16.06 1.50
CA PHE A 512 -17.33 17.13 0.57
C PHE A 512 -17.97 16.92 -0.79
N GLY A 513 -17.76 15.74 -1.38
CA GLY A 513 -18.41 15.44 -2.64
C GLY A 513 -19.91 15.46 -2.55
N ALA A 514 -20.45 15.15 -1.37
CA ALA A 514 -21.90 15.22 -1.19
C ALA A 514 -22.39 16.65 -1.09
N THR A 515 -21.53 17.59 -0.70
CA THR A 515 -21.94 18.98 -0.55
C THR A 515 -21.69 19.80 -1.80
N VAL A 516 -20.66 19.47 -2.57
CA VAL A 516 -20.39 20.19 -3.81
C VAL A 516 -21.47 19.89 -4.84
N GLU A 517 -21.91 18.63 -4.92
CA GLU A 517 -22.95 18.20 -5.86
C GLU A 517 -24.07 17.54 -5.06
N PRO A 518 -24.97 18.32 -4.47
CA PRO A 518 -26.05 17.73 -3.66
C PRO A 518 -27.11 17.01 -4.47
N GLN A 519 -27.06 17.07 -5.80
CA GLN A 519 -28.06 16.38 -6.61
C GLN A 519 -27.85 14.88 -6.63
N ARG A 520 -26.64 14.40 -6.34
CA ARG A 520 -26.32 12.99 -6.38
C ARG A 520 -26.38 12.32 -5.02
N VAL A 521 -26.86 13.02 -4.00
CA VAL A 521 -26.84 12.53 -2.63
C VAL A 521 -28.18 12.86 -1.97
N VAL A 522 -28.69 11.92 -1.18
CA VAL A 522 -29.86 12.16 -0.34
C VAL A 522 -29.37 12.74 0.99
N PRO A 523 -29.80 13.94 1.38
CA PRO A 523 -29.24 14.58 2.57
C PRO A 523 -29.52 13.83 3.87
N ASP A 524 -30.80 13.69 4.21
CA ASP A 524 -31.21 13.07 5.47
C ASP A 524 -31.88 11.73 5.19
N VAL A 525 -32.44 11.13 6.25
CA VAL A 525 -33.10 9.84 6.10
C VAL A 525 -34.53 10.01 5.63
N ASP A 526 -35.18 11.13 6.00
CA ASP A 526 -36.57 11.35 5.60
C ASP A 526 -36.71 11.40 4.09
N SER A 527 -35.78 12.07 3.40
CA SER A 527 -35.80 12.09 1.94
C SER A 527 -35.61 10.71 1.37
N PHE A 528 -34.85 9.84 2.06
CA PHE A 528 -34.72 8.47 1.63
C PHE A 528 -36.04 7.71 1.82
N THR A 529 -36.77 8.01 2.88
CA THR A 529 -38.07 7.39 3.09
C THR A 529 -39.03 7.78 1.97
N LYS A 530 -39.12 9.08 1.67
CA LYS A 530 -40.01 9.52 0.60
C LYS A 530 -39.56 9.03 -0.77
N LEU A 531 -38.24 8.86 -0.96
CA LEU A 531 -37.74 8.28 -2.19
C LEU A 531 -37.94 6.77 -2.24
N TRP A 532 -38.22 6.14 -1.10
CA TRP A 532 -38.39 4.70 -1.03
C TRP A 532 -39.84 4.28 -1.20
N LYS A 533 -40.76 5.01 -0.57
CA LYS A 533 -42.18 4.66 -0.62
C LYS A 533 -42.76 4.92 -2.01
N ASN A 534 -42.86 6.17 -2.41
CA ASN A 534 -43.46 6.55 -3.69
C ASN A 534 -42.43 6.80 -4.78
N GLY A 535 -41.18 6.40 -4.57
CA GLY A 535 -40.11 6.64 -5.52
C GLY A 535 -40.02 5.59 -6.60
N GLN A 536 -38.79 5.34 -7.04
CA GLN A 536 -38.46 4.41 -8.09
C GLN A 536 -38.00 3.08 -7.51
N PRO A 537 -38.07 2.00 -8.28
CA PRO A 537 -37.54 0.71 -7.79
C PRO A 537 -36.03 0.80 -7.58
N ALA A 538 -35.60 0.43 -6.38
CA ALA A 538 -34.20 0.56 -5.99
C ALA A 538 -33.89 -0.39 -4.86
N MET A 539 -32.60 -0.57 -4.61
CA MET A 539 -32.11 -1.35 -3.48
C MET A 539 -31.35 -0.45 -2.53
N ALA A 540 -31.18 -0.93 -1.29
CA ALA A 540 -30.51 -0.15 -0.27
C ALA A 540 -29.58 -1.05 0.54
N VAL A 541 -28.34 -0.59 0.73
CA VAL A 541 -27.38 -1.24 1.61
C VAL A 541 -27.33 -0.45 2.91
N MET A 542 -27.46 -1.15 4.03
CA MET A 542 -27.44 -0.50 5.33
C MET A 542 -26.81 -1.45 6.35
N SER A 543 -26.65 -0.96 7.57
CA SER A 543 -26.20 -1.81 8.66
C SER A 543 -27.38 -2.47 9.32
N PRO A 544 -27.17 -3.59 10.02
CA PRO A 544 -28.29 -4.24 10.71
C PRO A 544 -28.99 -3.33 11.70
N ASP A 545 -28.23 -2.48 12.39
CA ASP A 545 -28.85 -1.51 13.30
C ASP A 545 -29.72 -0.53 12.54
N THR A 546 -29.25 -0.08 11.37
CA THR A 546 -30.05 0.81 10.54
C THR A 546 -31.33 0.12 10.07
N TYR A 547 -31.24 -1.17 9.73
CA TYR A 547 -32.44 -1.91 9.36
C TYR A 547 -33.41 -2.00 10.53
N LEU A 548 -32.89 -2.23 11.74
CA LEU A 548 -33.76 -2.29 12.90
C LEU A 548 -34.38 -0.93 13.20
N ALA A 549 -33.70 0.15 12.83
CA ALA A 549 -34.26 1.48 13.05
C ALA A 549 -35.33 1.82 12.02
N LEU A 550 -35.11 1.46 10.75
CA LEU A 550 -36.08 1.74 9.70
C LEU A 550 -37.19 0.70 9.62
N ALA A 551 -37.09 -0.39 10.39
CA ALA A 551 -38.10 -1.44 10.29
C ALA A 551 -39.47 -0.99 10.82
N PRO A 552 -39.59 -0.36 11.99
CA PRO A 552 -40.93 0.03 12.45
C PRO A 552 -41.62 1.05 11.56
N THR A 553 -40.86 1.77 10.74
CA THR A 553 -41.41 2.85 9.92
C THR A 553 -41.52 2.45 8.45
N LEU A 554 -40.41 2.08 7.82
CA LEU A 554 -40.36 1.83 6.39
C LEU A 554 -40.52 0.33 6.11
N SER A 555 -41.41 -0.01 5.18
CA SER A 555 -41.64 -1.39 4.81
C SER A 555 -40.62 -1.79 3.74
N MET A 556 -39.76 -2.75 4.08
CA MET A 556 -38.69 -3.17 3.19
C MET A 556 -38.56 -4.68 3.23
N TYR A 557 -38.11 -5.25 2.11
CA TYR A 557 -37.98 -6.69 1.95
C TYR A 557 -36.51 -7.04 1.73
N VAL A 558 -36.02 -7.99 2.53
CA VAL A 558 -34.59 -8.31 2.53
C VAL A 558 -34.20 -8.99 1.23
N VAL A 559 -33.19 -8.45 0.56
CA VAL A 559 -32.63 -9.07 -0.64
C VAL A 559 -31.43 -9.93 -0.30
N ALA A 560 -30.54 -9.45 0.55
CA ALA A 560 -29.37 -10.22 0.96
C ALA A 560 -28.95 -9.79 2.35
N ARG A 561 -28.59 -10.76 3.19
CA ARG A 561 -28.17 -10.50 4.56
C ARG A 561 -26.72 -10.92 4.74
N ASP A 562 -25.98 -10.12 5.51
CA ASP A 562 -24.56 -10.33 5.72
C ASP A 562 -24.23 -10.03 7.18
N TRP A 563 -22.99 -10.32 7.58
CA TRP A 563 -22.57 -10.06 8.95
C TRP A 563 -22.54 -8.57 9.26
N ARG A 564 -22.31 -7.73 8.25
CA ARG A 564 -22.30 -6.29 8.45
C ARG A 564 -23.22 -5.53 7.50
N ARG A 565 -23.98 -6.22 6.66
CA ARG A 565 -24.78 -5.58 5.64
C ARG A 565 -26.19 -6.16 5.63
N VAL A 566 -27.17 -5.30 5.37
CA VAL A 566 -28.52 -5.70 5.03
C VAL A 566 -28.88 -4.97 3.74
N VAL A 567 -29.18 -5.73 2.69
CA VAL A 567 -29.50 -5.19 1.38
C VAL A 567 -30.96 -5.50 1.10
N VAL A 568 -31.76 -4.45 0.90
CA VAL A 568 -33.20 -4.57 0.75
C VAL A 568 -33.62 -3.93 -0.55
N ALA A 569 -34.91 -4.07 -0.87
CA ALA A 569 -35.51 -3.48 -2.05
C ALA A 569 -36.90 -2.97 -1.70
N ASN A 570 -37.36 -1.97 -2.46
CA ASN A 570 -38.65 -1.35 -2.16
C ASN A 570 -39.80 -2.18 -2.71
N VAL A 571 -39.65 -2.75 -3.89
CA VAL A 571 -40.63 -3.65 -4.46
C VAL A 571 -40.35 -5.06 -3.97
N ALA A 572 -41.41 -5.81 -3.67
CA ALA A 572 -41.29 -7.17 -3.17
C ALA A 572 -40.92 -8.17 -4.26
N SER A 573 -40.65 -7.71 -5.48
CA SER A 573 -40.30 -8.62 -6.56
C SER A 573 -38.82 -8.95 -6.57
N LEU A 574 -37.97 -8.05 -6.07
CA LEU A 574 -36.53 -8.22 -6.09
C LEU A 574 -36.01 -9.04 -4.92
N ALA A 575 -36.88 -9.51 -4.04
CA ALA A 575 -36.44 -10.33 -2.90
C ALA A 575 -36.87 -11.78 -3.08
N GLY A 576 -37.26 -12.42 -1.98
CA GLY A 576 -37.69 -13.81 -2.02
C GLY A 576 -38.85 -14.09 -1.09
N PRO A 577 -38.58 -14.82 0.00
CA PRO A 577 -39.66 -15.23 0.89
C PRO A 577 -39.67 -14.47 2.22
N GLN A 578 -40.78 -13.79 2.50
CA GLN A 578 -41.03 -13.18 3.80
C GLN A 578 -42.47 -12.69 3.91
C2 MPG B . 26.94 27.06 3.03
C3 MPG B . 27.59 27.91 1.94
C4 MPG B . 28.87 27.28 1.41
C5 MPG B . 29.31 27.90 0.07
C6 MPG B . 29.55 26.85 -1.01
C7 MPG B . 29.48 27.46 -2.42
C8 MPG B . 29.45 26.40 -3.55
C9 MPG B . 29.35 27.06 -4.94
C10 MPG B . 28.91 26.07 -6.06
C11 MPG B . 29.09 26.67 -7.47
C12 MPG B . 28.12 26.04 -8.53
C13 MPG B . 28.04 26.88 -9.82
C1 MPG B . 25.43 27.30 3.14
C2 MPG C . 12.60 -10.55 -5.97
C3 MPG C . 14.00 -10.59 -6.57
C4 MPG C . 15.07 -10.89 -5.54
C5 MPG C . 16.41 -11.27 -6.21
C6 MPG C . 17.42 -11.87 -5.21
C7 MPG C . 18.55 -12.63 -5.93
C8 MPG C . 19.38 -13.48 -4.94
C9 MPG C . 20.05 -14.71 -5.63
C10 MPG C . 20.20 -15.90 -4.65
C11 MPG C . 20.89 -17.12 -5.28
C1 MPG C . 11.50 -10.71 -7.02
C2 MPG D . -0.94 -0.33 5.61
C3 MPG D . -0.42 -1.74 5.40
C4 MPG D . 1.08 -1.84 5.61
C5 MPG D . 1.52 -3.26 6.03
C6 MPG D . 2.62 -3.23 7.11
C7 MPG D . 2.91 -4.62 7.70
C8 MPG D . 3.84 -4.55 8.94
C9 MPG D . 4.08 -5.95 9.56
C1 MPG D . -2.45 -0.28 5.85
C2 MPG E . 11.70 -22.34 -14.24
C3 MPG E . 12.83 -23.30 -13.93
C4 MPG E . 14.17 -22.79 -14.42
C5 MPG E . 15.31 -23.81 -14.24
C6 MPG E . 16.68 -23.19 -14.52
C7 MPG E . 17.78 -24.24 -14.77
C8 MPG E . 19.04 -23.61 -15.41
C9 MPG E . 20.16 -24.65 -15.65
C1 MPG E . 10.36 -22.82 -13.67
C2 MPG F . 16.30 -12.85 20.88
C3 MPG F . 16.95 -13.15 19.54
C4 MPG F . 17.36 -11.90 18.78
C5 MPG F . 18.39 -12.20 17.69
C6 MPG F . 19.45 -11.09 17.56
C7 MPG F . 20.81 -11.61 17.06
C8 MPG F . 21.94 -10.59 17.33
C9 MPG F . 23.31 -11.00 16.73
C10 MPG F . 24.44 -10.02 17.13
C1 MPG F . 16.36 -14.04 21.84
C2 MPG G . 19.94 -26.70 -10.92
C3 MPG G . 18.69 -25.91 -11.30
C4 MPG G . 17.41 -26.72 -11.09
C1 MPG G . 21.22 -25.94 -11.25
C2 MPG H . 11.17 -27.23 12.24
C3 MPG H . 11.91 -26.22 13.10
C4 MPG H . 13.39 -26.15 12.76
C5 MPG H . 14.16 -25.11 13.61
C6 MPG H . 15.56 -24.84 13.05
C7 MPG H . 16.39 -23.92 13.95
C8 MPG H . 17.81 -23.69 13.40
C9 MPG H . 18.79 -23.15 14.48
C10 MPG H . 20.25 -23.08 13.95
C1 MPG H . 9.66 -27.20 12.46
C2 MPG I . 22.31 -6.83 -9.20
C3 MPG I . 21.49 -6.81 -10.48
C4 MPG I . 20.43 -5.71 -10.44
C5 MPG I . 19.22 -6.03 -11.34
C6 MPG I . 18.29 -4.83 -11.52
C1 MPG I . 23.39 -7.92 -9.21
C2 MPG J . 24.18 -12.64 -7.92
C3 MPG J . 25.66 -12.27 -7.90
C4 MPG J . 26.49 -13.23 -7.08
C5 MPG J . 27.92 -12.73 -6.86
C6 MPG J . 28.78 -13.76 -6.09
C1 MPG J . 23.32 -11.60 -8.65
C2 MPG K . -0.04 -12.77 -13.33
C3 MPG K . -1.19 -12.96 -12.36
C4 MPG K . -1.56 -14.43 -12.16
C5 MPG K . -2.86 -14.61 -11.38
C6 MPG K . -3.22 -16.10 -11.20
C7 MPG K . -4.60 -16.31 -10.55
C8 MPG K . -4.94 -17.80 -10.36
C1 MPG K . 0.25 -11.29 -13.61
C2 MPG L . 9.70 -3.96 -13.14
C3 MPG L . 10.74 -3.05 -12.47
C4 MPG L . 12.16 -3.53 -12.67
C5 MPG L . 13.19 -2.58 -12.02
C6 MPG L . 14.60 -2.75 -12.62
C1 MPG L . 8.31 -3.32 -13.15
C2 MPG M . 28.86 10.43 10.49
C3 MPG M . 27.55 9.76 10.92
C4 MPG M . 26.41 10.74 10.97
C5 MPG M . 25.06 10.09 11.31
C6 MPG M . 23.89 10.82 10.63
C7 MPG M . 22.55 10.64 11.36
C8 MPG M . 21.42 11.46 10.68
C9 MPG M . 20.24 11.79 11.64
C10 MPG M . 19.16 12.61 10.92
C11 MPG M . 18.14 13.26 11.88
C12 MPG M . 17.22 14.28 11.13
C13 MPG M . 15.93 14.65 11.87
C14 MPG M . 14.91 15.35 10.93
C15 MPG M . 13.77 16.09 11.69
C16 MPG M . 12.67 16.62 10.73
C17 MPG M . 11.54 17.37 11.47
C18 MPG M . 10.22 17.42 10.67
C1 MPG M . 30.02 9.44 10.34
C2 MPG N . 19.68 3.11 11.23
C3 MPG N . 18.73 2.31 12.11
C4 MPG N . 19.28 2.10 13.51
C5 MPG N . 18.42 1.15 14.37
C6 MPG N . 19.03 0.88 15.75
C1 MPG N . 19.19 3.22 9.78
C2 MPG O . 14.18 3.88 12.10
C3 MPG O . 15.07 4.86 12.84
C4 MPG O . 14.63 5.07 14.28
C5 MPG O . 15.39 6.21 14.98
C1 MPG O . 14.61 3.68 10.64
C2 MPG P . -4.74 27.27 -10.41
C3 MPG P . -4.24 26.00 -9.72
C4 MPG P . -2.85 25.60 -10.17
C5 MPG P . -2.34 24.35 -9.44
C6 MPG P . -0.81 24.19 -9.51
C7 MPG P . -0.32 23.02 -8.65
C8 MPG P . 1.23 22.95 -8.56
C9 MPG P . 1.73 21.62 -7.93
C10 MPG P . 3.24 21.65 -7.60
C1 MPG P . -6.01 27.83 -9.75
C2 MPG Q . 7.15 0.48 21.86
C3 MPG Q . 5.92 1.24 22.34
C4 MPG Q . 4.81 1.25 21.31
C5 MPG Q . 3.71 2.26 21.65
C6 MPG Q . 2.65 2.38 20.55
C7 MPG Q . 1.73 3.60 20.77
C8 MPG Q . 0.54 3.64 19.80
C9 MPG Q . -0.29 4.94 19.93
C10 MPG Q . -1.67 4.83 19.22
C1 MPG Q . 8.33 0.56 22.83
C2 MPG R . 8.95 6.73 -13.23
C3 MPG R . 10.16 7.65 -13.22
C4 MPG R . 10.72 7.85 -14.63
C5 MPG R . 12.25 7.85 -14.63
C6 MPG R . 12.84 7.28 -15.94
C7 MPG R . 14.13 6.47 -15.67
C8 MPG R . 15.10 6.45 -16.87
C9 MPG R . 16.57 6.28 -16.43
C10 MPG R . 17.58 6.55 -17.57
C11 MPG R . 19.02 6.78 -17.03
C12 MPG R . 20.09 6.85 -18.18
C13 MPG R . 21.44 7.37 -17.65
C14 MPG R . 22.63 6.99 -18.59
C1 MPG R . 8.62 6.20 -11.82
C2 MPG S . 20.86 23.52 -17.17
C3 MPG S . 19.87 23.39 -18.32
C4 MPG S . 18.90 24.56 -18.40
C5 MPG S . 17.55 24.16 -18.99
C6 MPG S . 16.56 25.34 -19.03
C7 MPG S . 15.18 24.93 -19.62
C1 MPG S . 21.54 22.20 -16.83
C2 MPG T . 12.18 -22.74 -3.50
C3 MPG T . 13.62 -23.07 -3.88
C4 MPG T . 14.52 -21.84 -3.81
C5 MPG T . 15.98 -22.17 -4.09
C6 MPG T . 16.94 -21.17 -3.43
C1 MPG T . 11.36 -23.99 -3.19
C3 MPG U . 16.48 -9.80 -10.20
C4 MPG U . 15.63 -8.60 -9.77
C5 MPG U . 14.14 -8.87 -9.93
C6 MPG U . 13.32 -7.57 -10.02
C7 MPG U . 11.87 -7.82 -10.46
C2 MPG V . 3.91 14.46 18.44
C3 MPG V . 2.60 14.05 17.76
C4 MPG V . 1.80 13.05 18.57
C5 MPG V . 2.10 13.10 20.08
C1 MPG V . 4.55 15.68 17.79
C2 MPG W . -8.73 3.39 -22.41
C3 MPG W . -7.34 3.51 -23.03
C4 MPG W . -6.25 3.60 -21.98
C5 MPG W . -4.94 4.17 -22.57
C6 MPG W . -3.74 3.98 -21.62
C7 MPG W . -2.41 4.32 -22.30
C8 MPG W . -1.18 3.91 -21.45
C9 MPG W . 0.15 4.03 -22.22
C10 MPG W . 1.31 3.27 -21.52
C1 MPG W . -9.84 3.32 -23.47
C2 MPG X . 0.19 6.54 -17.12
C3 MPG X . 1.07 5.52 -16.42
C4 MPG X . 1.11 4.19 -17.16
C5 MPG X . 1.74 3.07 -16.32
C6 MPG X . 1.64 1.70 -17.00
C7 MPG X . 1.44 0.55 -15.99
C8 MPG X . 0.95 -0.74 -16.68
C9 MPG X . 0.35 -1.76 -15.68
C10 MPG X . 0.36 -3.20 -16.26
C1 MPG X . 0.39 7.95 -16.57
C2 MPG Y . 9.06 9.87 -17.71
C3 MPG Y . 7.61 9.48 -17.97
C4 MPG Y . 6.71 9.75 -16.77
C5 MPG Y . 5.23 9.63 -17.12
C6 MPG Y . 4.37 10.66 -16.38
C7 MPG Y . 3.13 11.09 -17.19
C8 MPG Y . 2.62 12.49 -16.77
C9 MPG Y . 1.37 12.93 -17.57
C10 MPG Y . 0.96 14.40 -17.25
C1 MPG Y . 9.90 9.86 -18.99
C2 MPG Z . 2.90 -4.56 15.06
C3 MPG Z . 4.21 -4.61 15.84
C4 MPG Z . 5.00 -5.88 15.57
C5 MPG Z . 6.26 -5.97 16.45
C6 MPG Z . 7.24 -7.04 15.95
C7 MPG Z . 8.59 -6.98 16.69
C1 MPG Z . 2.10 -3.30 15.35
C2 MPG AA . -2.46 -8.90 8.00
C3 MPG AA . -1.28 -9.46 7.21
C4 MPG AA . -0.15 -9.91 8.12
C5 MPG AA . 1.17 -10.09 7.36
C6 MPG AA . 2.34 -10.44 8.29
C1 MPG AA . -3.42 -8.11 7.11
C2 MPG BA . 1.19 -12.34 11.35
C3 MPG BA . 0.18 -12.20 12.50
C4 MPG BA . -0.95 -11.26 12.16
C5 MPG BA . -1.99 -11.18 13.28
C6 MPG BA . -3.30 -10.50 12.83
C1 MPG BA . 2.19 -13.48 11.59
C2 MPG CA . 19.70 -29.20 1.38
C3 MPG CA . 18.55 -29.48 2.34
C4 MPG CA . 17.20 -29.38 1.67
C5 MPG CA . 16.03 -29.66 2.64
C6 MPG CA . 14.71 -29.94 1.90
C1 MPG CA . 21.06 -29.58 1.97
C2 MPG DA . 17.54 -25.48 -1.18
C3 MPG DA . 16.27 -26.26 -1.47
C4 MPG DA . 15.10 -25.80 -0.62
C5 MPG DA . 13.90 -26.75 -0.71
C1 MPG DA . 18.75 -26.06 -1.92
C2 MPG EA . 22.16 -29.15 -2.90
C3 MPG EA . 22.37 -27.65 -3.11
C4 MPG EA . 23.77 -27.31 -3.58
C5 MPG EA . 23.99 -25.79 -3.72
C1 MPG EA . 20.71 -29.49 -2.55
C2 MPG FA . 11.21 -23.31 2.82
C3 MPG FA . 12.36 -23.53 1.85
C4 MPG FA . 12.84 -22.23 1.22
C5 MPG FA . 13.65 -22.47 -0.06
C1 MPG FA . 10.58 -24.64 3.27
C2 MPG GA . 10.79 11.91 17.56
C3 MPG GA . 11.43 10.89 18.51
C4 MPG GA . 11.29 9.47 18.02
C5 MPG GA . 11.69 8.45 19.08
C6 MPG GA . 11.60 7.00 18.57
C7 MPG GA . 12.10 5.98 19.61
C1 MPG GA . 10.73 13.32 18.18
C2 MPG HA . 1.62 -18.94 -3.22
C3 MPG HA . 1.01 -20.12 -3.97
C4 MPG HA . 1.07 -19.94 -5.48
C5 MPG HA . 0.47 -21.14 -6.24
C1 MPG HA . 1.94 -19.29 -1.77
C2 MPG IA . 0.88 -26.85 11.84
C3 MPG IA . -0.51 -26.25 11.99
C4 MPG IA . -1.03 -26.31 13.41
C5 MPG IA . -2.56 -26.15 13.50
C6 MPG IA . -3.11 -26.43 14.90
C7 MPG IA . -4.64 -26.43 14.96
C1 MPG IA . 1.29 -26.99 10.37
C2 MPG JA . 0.34 -24.60 17.48
C3 MPG JA . -0.80 -23.66 17.86
C4 MPG JA . -1.88 -23.59 16.79
C5 MPG JA . -3.08 -22.74 17.21
C6 MPG JA . -4.34 -23.07 16.40
C7 MPG JA . -5.58 -22.32 16.94
C1 MPG JA . 1.38 -24.74 18.59
C2 MPG KA . 3.71 -20.45 27.13
C3 MPG KA . 3.35 -20.69 25.67
C4 MPG KA . 1.92 -20.29 25.35
C5 MPG KA . 1.38 -21.05 24.12
C6 MPG KA . -0.05 -20.60 23.75
C1 MPG KA . 5.08 -21.02 27.49
C2 MPG LA . 6.27 -13.58 24.02
C3 MPG LA . 6.72 -14.94 23.51
C4 MPG LA . 6.08 -16.08 24.29
C5 MPG LA . 6.87 -17.39 24.15
C6 MPG LA . 6.27 -18.53 24.98
C1 MPG LA . 6.97 -12.43 23.29
C2 MPG MA . -8.36 29.80 -5.24
C3 MPG MA . -7.36 28.70 -4.97
C4 MPG MA . -6.80 28.74 -3.56
C5 MPG MA . -5.68 27.71 -3.33
C6 MPG MA . -5.12 27.75 -1.90
C7 MPG MA . -3.79 26.98 -1.76
C1 MPG MA . -9.10 29.62 -6.57
C2 MPG NA . 6.27 18.96 17.54
C3 MPG NA . 6.57 19.70 16.25
C4 MPG NA . 5.32 20.10 15.48
C5 MPG NA . 4.09 20.33 16.38
C6 MPG NA . 2.80 20.48 15.58
C7 MPG NA . 1.64 21.02 16.43
C1 MPG NA . 7.53 18.40 18.20
C2 MPG OA . 3.85 22.29 -18.73
C3 MPG OA . 4.02 23.49 -17.81
C4 MPG OA . 5.48 23.76 -17.49
C5 MPG OA . 5.67 24.84 -16.40
C6 MPG OA . 7.15 25.23 -16.23
C1 MPG OA . 2.43 22.19 -19.29
C2 MPG PA . -8.02 -19.12 2.21
C3 MPG PA . -6.76 -19.95 2.26
C4 MPG PA . -5.65 -19.27 3.04
C5 MPG PA . -4.29 -19.98 2.86
C6 MPG PA . -3.14 -19.22 3.54
C1 MPG PA . -9.05 -19.69 1.22
C5 MPG QA . 27.16 -20.95 14.31
C6 MPG QA . 28.50 -20.90 13.58
C7 MPG QA . 28.51 -21.73 12.28
C8 MPG QA . 29.91 -21.76 11.61
C9 MPG QA . 29.91 -22.54 10.27
C2 MPG RA . 23.73 1.70 16.72
C3 MPG RA . 24.48 0.71 17.59
C4 MPG RA . 25.72 0.16 16.89
C5 MPG RA . 26.29 -1.08 17.61
C6 MPG RA . 27.52 -1.65 16.89
C1 MPG RA . 22.37 2.08 17.32
C2 MPG SA . -7.55 -11.62 -19.18
C3 MPG SA . -6.71 -11.92 -20.40
C4 MPG SA . -5.25 -12.18 -20.06
C5 MPG SA . -4.35 -12.16 -21.30
C6 MPG SA . -2.86 -12.29 -20.93
C7 MPG SA . -1.93 -12.12 -22.14
C8 MPG SA . -0.43 -12.32 -21.77
C1 MPG SA . -9.02 -11.36 -19.53
C2 MPG TA . -2.63 -13.63 -17.47
C3 MPG TA . -3.48 -13.58 -16.20
C4 MPG TA . -4.51 -14.69 -16.14
C5 MPG TA . -5.54 -14.49 -15.03
C6 MPG TA . -6.47 -15.69 -14.85
C7 MPG TA . -7.53 -15.46 -13.77
C1 MPG TA . -1.52 -12.57 -17.47
C3 MPG UA . 12.07 -9.50 18.88
C4 MPG UA . 10.68 -9.11 19.37
C5 MPG UA . 9.67 -10.26 19.22
C6 MPG UA . 8.22 -9.78 19.47
C2 MPG VA . 5.01 -9.88 12.53
C3 MPG VA . 4.85 -9.97 14.04
C4 MPG VA . 5.66 -11.12 14.64
C5 MPG VA . 5.41 -11.31 16.14
C6 MPG VA . 6.39 -12.30 16.77
C7 MPG VA . 6.07 -12.57 18.26
C1 MPG VA . 4.18 -8.74 11.93
C2 MPG WA . 2.18 24.23 -4.26
C3 MPG WA . 0.99 25.06 -3.79
C4 MPG WA . -0.10 25.16 -4.84
C5 MPG WA . -1.12 26.26 -4.53
C6 MPG WA . -2.12 26.49 -5.66
C7 MPG WA . -2.77 27.89 -5.61
C8 MPG WA . -3.78 28.11 -6.77
C1 MPG WA . 3.24 24.06 -3.16
C2 MPG XA . -9.46 8.34 -21.99
C3 MPG XA . -7.96 8.06 -21.90
C4 MPG XA . -7.16 9.30 -21.50
C5 MPG XA . -5.65 9.08 -21.65
C6 MPG XA . -4.83 10.22 -21.02
C1 MPG XA . -10.26 7.11 -22.42
C2 MPG YA . -10.08 13.91 -20.59
C3 MPG YA . -8.97 13.00 -20.10
C4 MPG YA . -7.64 13.73 -20.00
C5 MPG YA . -6.59 12.91 -19.22
C6 MPG YA . -5.44 13.79 -18.70
C1 MPG YA . -11.47 13.29 -20.40
C2 MPG ZA . -0.97 23.36 -18.75
C3 MPG ZA . -1.13 24.87 -18.70
C4 MPG ZA . -0.32 25.50 -17.58
C5 MPG ZA . -0.87 26.88 -17.17
C6 MPG ZA . -0.08 27.50 -16.00
C1 MPG ZA . -1.92 22.71 -19.75
C2 MPG AB . -4.28 25.66 -22.27
C3 MPG AB . -3.14 26.28 -21.47
C4 MPG AB . -3.53 27.60 -20.83
C5 MPG AB . -2.31 28.37 -20.28
C6 MPG AB . -2.69 29.75 -19.71
C1 MPG AB . -3.89 24.34 -22.91
C2 MPG BB . -11.58 -8.88 23.43
C3 MPG BB . -10.87 -10.03 24.12
C4 MPG BB . -9.39 -10.11 23.81
C5 MPG BB . -8.76 -8.74 23.49
C6 MPG BB . -7.31 -8.87 23.00
C7 MPG BB . -6.62 -7.51 22.82
C8 MPG BB . -5.19 -7.65 22.26
C1 MPG BB . -13.08 -8.86 23.72
C2 MPG CB . -7.51 -6.71 18.12
C3 MPG CB . -7.35 -6.03 19.47
C4 MPG CB . -8.66 -5.86 20.23
C5 MPG CB . -9.80 -6.76 19.70
C6 MPG CB . -11.11 -6.56 20.48
C1 MPG CB . -6.18 -6.87 17.38
C2 MPG DB . 31.24 -10.40 -12.26
C3 MPG DB . 29.97 -9.77 -11.69
C4 MPG DB . 28.75 -10.62 -11.97
C5 MPG DB . 27.44 -9.82 -11.78
C6 MPG DB . 26.19 -10.69 -11.99
C7 MPG DB . 24.90 -9.85 -12.04
C8 MPG DB . 23.65 -10.71 -12.35
C2 MPG EB . -4.22 1.11 12.41
C3 MPG EB . -3.47 -0.14 12.88
C4 MPG EB . -2.47 0.16 13.98
C5 MPG EB . -1.33 -0.87 14.04
C6 MPG EB . -0.17 -0.38 14.93
C1 MPG EB . -5.09 0.86 11.18
C2 MPG FB . 22.93 8.61 -22.56
C3 MPG FB . 21.66 8.49 -21.73
C4 MPG FB . 20.49 9.27 -22.30
C5 MPG FB . 20.59 9.49 -23.82
C1 MPG FB . 24.10 7.82 -21.96
C2 MPG GB . 21.06 25.46 0.44
C3 MPG GB . 22.50 25.80 0.06
C4 MPG GB . 22.72 25.80 -1.45
C5 MPG GB . 24.19 25.99 -1.83
C6 MPG GB . 24.38 26.16 -3.33
C7 MPG GB . 25.87 26.33 -3.72
C1 MPG GB . 20.83 25.53 1.95
C2 MPG HB . 15.61 27.64 -16.32
C3 MPG HB . 16.67 28.66 -15.97
C4 MPG HB . 17.94 28.49 -16.80
C5 MPG HB . 19.02 29.52 -16.46
C6 MPG HB . 20.19 29.48 -17.45
C1 MPG HB . 14.29 27.89 -15.57
C5 MPG IB . -3.22 -27.23 6.69
C6 MPG IB . -1.78 -27.20 7.21
C7 MPG IB . -0.74 -27.30 6.07
C8 MPG IB . 0.72 -27.20 6.60
C2 MPG JB . -7.64 -27.53 11.66
C3 MPG JB . -7.42 -27.06 10.24
C4 MPG JB . -8.53 -26.15 9.75
C5 MPG JB . -8.28 -25.65 8.31
C6 MPG JB . -9.15 -24.43 7.97
C7 MPG JB . -8.88 -23.91 6.54
C8 MPG JB . -9.72 -22.65 6.20
C9 MPG JB . -9.67 -22.30 4.70
C10 MPG JB . -10.40 -20.96 4.39
C1 MPG JB . -6.43 -28.28 12.23
C2 MPG KB . 2.15 -15.99 -14.07
C3 MPG KB . 0.99 -16.84 -13.54
C4 MPG KB . -0.06 -17.11 -14.60
C5 MPG KB . -1.35 -17.68 -14.01
C6 MPG KB . -2.39 -18.04 -15.09
C7 MPG KB . -3.67 -18.65 -14.49
C1 MPG KB . 3.13 -15.59 -12.97
C3 MPG LB . -1.36 -18.33 -21.00
C4 MPG LB . -2.14 -17.94 -19.76
C5 MPG LB . -3.62 -17.69 -20.06
C6 MPG LB . -4.39 -17.19 -18.83
C2 MPG MB . -6.48 -23.38 -18.37
C3 MPG MB . -5.51 -22.49 -17.59
C4 MPG MB . -4.15 -22.40 -18.25
C5 MPG MB . -3.09 -21.80 -17.32
C6 MPG MB . -1.69 -21.75 -17.98
C1 MPG MB . -7.80 -23.59 -17.63
C2 MPG NB . 5.30 -22.33 -3.82
C3 MPG NB . 4.94 -22.58 -5.28
C4 MPG NB . 6.14 -22.43 -6.19
C5 MPG NB . 5.78 -22.62 -7.68
C6 MPG NB . 7.02 -22.66 -8.58
C7 MPG NB . 6.68 -22.94 -10.05
C8 MPG NB . 7.93 -23.18 -10.91
C1 MPG NB . 4.10 -22.47 -2.88
C2 MPG OB . 9.07 -31.09 14.52
C3 MPG OB . 10.10 -31.22 13.41
C4 MPG OB . 11.50 -30.84 13.87
C5 MPG OB . 12.50 -30.73 12.70
C6 MPG OB . 13.94 -30.54 13.20
C7 MPG OB . 14.95 -30.35 12.04
C8 MPG OB . 16.38 -30.13 12.59
C9 MPG OB . 17.31 -29.41 11.57
C10 MPG OB . 18.48 -28.69 12.28
C11 MPG OB . 19.54 -28.16 11.31
C12 MPG OB . 20.91 -27.91 12.02
C13 MPG OB . 22.12 -28.04 11.07
C14 MPG OB . 23.47 -28.19 11.82
C15 MPG OB . 24.66 -28.49 10.86
C16 MPG OB . 25.85 -29.17 11.59
C1 MPG OB . 7.66 -31.45 14.06
C2 MPG PB . 1.23 -24.96 2.87
C3 MPG PB . 0.27 -24.51 1.77
C4 MPG PB . 0.07 -23.01 1.74
C5 MPG PB . -1.12 -22.59 0.87
C6 MPG PB . -1.28 -21.07 0.78
C7 MPG PB . -2.43 -20.66 -0.17
C1 MPG PB . 1.33 -26.47 2.98
C4 MPG QB . 5.52 -23.42 -13.81
C5 MPG QB . 6.39 -22.75 -14.88
C6 MPG QB . 6.47 -23.57 -16.18
C2 MPG RB . 10.02 29.19 -9.85
C3 MPG RB . 10.14 30.33 -8.85
C4 MPG RB . 11.07 31.44 -9.35
C5 MPG RB . 11.45 32.43 -8.24
C6 MPG RB . 12.37 33.54 -8.75
C7 MPG RB . 12.83 34.48 -7.62
C2 MPG SB . 19.46 18.76 11.38
C3 MPG SB . 17.97 18.95 11.63
C4 MPG SB . 17.33 19.86 10.60
C5 MPG SB . 15.85 20.14 10.92
C6 MPG SB . 15.17 20.97 9.81
C1 MPG SB . 20.08 17.68 12.28
C2 MPG TB . 11.85 -27.19 -11.47
C3 MPG TB . 11.14 -27.13 -10.13
C4 MPG TB . 9.63 -26.97 -10.26
C5 MPG TB . 9.08 -27.48 -11.60
C6 MPG TB . 7.56 -27.28 -11.73
C7 MPG TB . 7.01 -27.82 -13.06
C8 MPG TB . 5.49 -27.53 -13.23
C1 MPG TB . 13.34 -27.49 -11.33
C2 MPG UB . 4.42 -3.56 20.90
C3 MPG UB . 3.32 -2.82 20.17
C4 MPG UB . 2.50 -1.94 21.12
C5 MPG UB . 1.21 -1.42 20.47
C6 MPG UB . 0.45 -0.45 21.38
C1 MPG UB . 5.13 -4.58 20.01
C5 MPG VB . 5.76 -3.99 24.76
C6 MPG VB . 7.08 -3.33 24.32
C7 MPG VB . 7.59 -2.31 25.34
C3 MPG WB . 29.27 -31.03 -5.68
C4 MPG WB . 28.73 -30.52 -4.36
C5 MPG WB . 29.21 -31.35 -3.16
C6 MPG WB . 28.71 -30.80 -1.82
C7 MPG WB . 29.25 -31.58 -0.61
C8 MPG WB . 28.81 -30.95 0.74
C2 MPG XB . -11.44 -3.54 17.65
C3 MPG XB . -9.93 -3.41 17.75
C4 MPG XB . -9.25 -3.53 16.39
C5 MPG XB . -7.73 -3.47 16.49
C1 MPG XB . -12.14 -3.33 18.99
C2 MPG YB . 25.77 13.25 13.58
C3 MPG YB . 26.84 12.96 14.62
C4 MPG YB . 26.77 11.55 15.16
C5 MPG YB . 27.55 11.41 16.48
C6 MPG YB . 27.77 9.94 16.89
C7 MPG YB . 28.73 9.82 18.09
C8 MPG YB . 29.37 8.42 18.18
C9 MPG YB . 30.84 8.48 18.69
C10 MPG YB . 31.67 7.27 18.21
C11 MPG YB . 33.18 7.59 18.13
C12 MPG YB . 33.90 6.70 17.06
C13 MPG YB . 35.31 7.24 16.69
C14 MPG YB . 35.89 6.53 15.43
C1 MPG YB . 25.80 14.70 13.10
N1 EPE ZB . -11.56 -15.03 -9.88
C2 EPE ZB . -10.33 -15.81 -9.60
C3 EPE ZB . -10.45 -16.67 -8.34
N4 EPE ZB . -10.81 -15.86 -7.20
C5 EPE ZB . -11.56 -14.65 -7.45
C6 EPE ZB . -12.42 -14.82 -8.69
C7 EPE ZB . -10.67 -16.38 -5.85
C8 EPE ZB . -10.71 -15.27 -4.81
O8 EPE ZB . -10.23 -15.77 -3.58
C9 EPE ZB . -11.18 -13.73 -10.45
C10 EPE ZB . -11.04 -13.85 -11.97
S EPE ZB . -10.37 -12.33 -12.69
O1S EPE ZB . -9.44 -12.69 -13.76
O2S EPE ZB . -9.67 -11.57 -11.67
O3S EPE ZB . -11.46 -11.53 -13.25
P PO4 AC . 21.86 24.09 -12.12
O1 PO4 AC . 22.84 25.17 -11.79
O2 PO4 AC . 22.51 23.05 -13.01
O3 PO4 AC . 20.66 24.69 -12.85
O4 PO4 AC . 21.39 23.42 -10.85
CL CL BC . 27.29 -10.44 15.13
CL CL CC . -7.28 -10.46 3.07
P01 5TR DC . -4.90 8.13 4.11
O02 5TR DC . -3.62 9.16 4.39
O03 5TR DC . -5.73 8.64 2.95
O04 5TR DC . -4.36 6.76 3.77
O05 5TR DC . -5.77 8.04 5.34
C06 5TR DC . 8.45 21.02 4.31
C07 5TR DC . 5.79 22.87 0.71
C08 5TR DC . 6.79 20.13 8.16
C09 5TR DC . 9.22 21.23 -0.91
C10 5TR DC . 7.07 20.57 3.70
C11 5TR DC . 6.44 21.95 -0.38
C12 5TR DC . 7.75 20.83 7.18
C13 5TR DC . 10.03 21.64 0.40
C14 5TR DC . 5.97 22.24 2.12
C15 5TR DC . 9.03 19.86 5.21
C16 5TR DC . 14.02 21.81 0.42
C17 5TR DC . 3.26 19.84 4.52
C18 5TR DC . 8.61 22.48 -1.58
C19 5TR DC . 3.39 20.08 6.07
C20 5TR DC . 5.31 20.36 7.71
C21 5TR DC . 14.10 22.16 -1.10
C22 5TR DC . 12.55 21.51 0.82
C23 5TR DC . 6.87 21.23 2.28
C24 5TR DC . 8.71 19.79 6.53
C25 5TR DC . 7.31 22.83 -1.34
C26 5TR DC . 3.28 18.32 4.20
C27 5TR DC . 4.87 19.85 6.52
C28 5TR DC . 11.51 21.93 0.01
C29 5TR DC . 2.43 15.97 4.54
C30 5TR DC . 14.08 19.61 -4.13
C31 5TR DC . 2.21 15.17 5.88
C32 5TR DC . 14.20 20.93 -3.29
C33 5TR DC . 13.99 20.89 -1.95
C34 5TR DC . 2.41 17.48 4.84
C35 5TR DC . 15.49 19.02 -4.42
C36 5TR DC . 1.36 13.87 5.62
C37 5TR DC . 5.14 22.76 3.32
C38 5TR DC . 9.99 18.81 4.58
C39 5TR DC . 9.47 23.34 -2.53
C40 5TR DC . 4.35 21.17 8.60
C41 5TR DC . 12.26 20.73 2.09
C42 5TR DC . 15.58 17.63 -3.73
C43 5TR DC . 4.26 17.76 3.18
C44 5TR DC . 16.13 16.58 -4.37
C45 5TR DC . 0.48 12.04 4.12
C46 5TR DC . 1.31 13.33 4.36
C47 5TR DC . 16.20 15.21 -3.63
C48 5TR DC . 14.58 22.26 -3.97
C49 5TR DC . -0.03 12.03 2.65
C50 5TR DC . 0.59 13.18 6.78
C51 5TR DC . 17.33 14.31 -4.23
C52 5TR DC . -1.52 11.65 2.66
C53 5TR DC . 16.70 16.73 -5.81
C54 5TR DC . 17.13 12.85 -3.75
C55 5TR DC . -2.52 12.37 1.70
C56 5TR DC . -1.96 10.71 3.51
C57 5TR DC . 17.73 12.41 -2.63
C58 5TR DC . -3.47 10.29 3.55
C59 5TR DC . 17.52 10.97 -2.17
C60 5TR DC . 18.64 13.32 -1.81
#